data_5KR7
#
_entry.id   5KR7
#
_cell.length_a   89.817
_cell.length_b   89.876
_cell.length_c   100.011
_cell.angle_alpha   90.000
_cell.angle_beta   90.000
_cell.angle_gamma   90.000
#
_symmetry.space_group_name_H-M   'P 21 21 21'
#
loop_
_entity.id
_entity.type
_entity.pdbx_description
1 polymer 'Lysine-specific demethylase 4C'
2 non-polymer 'FE (II) ION'
3 non-polymer 'ZINC ION'
4 non-polymer 6-ethyl-2,5-dimethyl-7-oxidanylidene-4~{H}-pyrazolo[1,5-a]pyrimidine-3-carbonitrile
5 non-polymer 'CHLORIDE ION'
6 water water
#
_entity_poly.entity_id   1
_entity_poly.type   'polypeptide(L)'
_entity_poly.pdbx_seq_one_letter_code
;GSHMASMTGGQQMGRGSMEVAEVESPLNPSCKIMTFRPSMEEFREFNKYLAYMESKGAHRAGLAKVIPPKEWKPRQCYDD
IDNLLIPAPIQQMVTGQSGLFTQYNIQKKAMTVKEFRQLANSGKYCTPRYLDYEDLERKYWKNLTFVAPIYGADINGSIY
DEGVDEWNIARLNTVLDVVEEECGISIEGVNTPYLYFGMWKTTFAWHTEDMDLYSINYLHFGEPKSWYAIPPEHGKRLER
LAQGFFPSSSQGCDAFLRHKMTLISPSVLKKYGIPFDKITQEAGEFMITFPYGYHAGFNHGFNCAESTNFATVRWIDYGK
VAKLCTCRKDMVKISMDIFVRKFQPDRYQLWKQGKDIYTIDHTKPTP
;
_entity_poly.pdbx_strand_id   A,B
#
loop_
_chem_comp.id
_chem_comp.type
_chem_comp.name
_chem_comp.formula
6X9 non-polymer 6-ethyl-2,5-dimethyl-7-oxidanylidene-4~{H}-pyrazolo[1,5-a]pyrimidine-3-carbonitrile 'C11 H12 N4 O'
CL non-polymer 'CHLORIDE ION' 'Cl -1'
FE2 non-polymer 'FE (II) ION' 'Fe 2'
ZN non-polymer 'ZINC ION' 'Zn 2'
#
# COMPACT_ATOMS: atom_id res chain seq x y z
N LEU A 27 -12.33 -12.37 8.19
CA LEU A 27 -11.33 -12.29 9.29
C LEU A 27 -9.92 -12.00 8.75
N ASN A 28 -9.37 -10.83 9.10
CA ASN A 28 -8.02 -10.42 8.69
C ASN A 28 -7.76 -10.68 7.21
N PRO A 29 -8.58 -10.08 6.32
CA PRO A 29 -8.50 -10.33 4.87
C PRO A 29 -7.14 -9.91 4.29
N SER A 30 -6.52 -8.90 4.89
CA SER A 30 -5.19 -8.49 4.47
C SER A 30 -4.08 -9.53 4.80
N CYS A 31 -4.38 -10.46 5.71
CA CYS A 31 -3.43 -11.42 6.24
C CYS A 31 -2.21 -10.79 6.88
N LYS A 32 -2.36 -9.61 7.47
CA LYS A 32 -1.22 -8.91 8.08
C LYS A 32 -0.92 -9.43 9.49
N ILE A 33 0.33 -9.31 9.91
CA ILE A 33 0.68 -9.75 11.26
C ILE A 33 -0.03 -8.88 12.31
N MET A 34 -0.72 -9.52 13.25
CA MET A 34 -1.47 -8.82 14.31
C MET A 34 -0.69 -8.79 15.61
N THR A 35 -0.82 -7.68 16.34
CA THR A 35 -0.21 -7.55 17.65
C THR A 35 -1.29 -7.51 18.75
N PHE A 36 -1.17 -8.32 19.79
CA PHE A 36 -2.22 -8.40 20.81
C PHE A 36 -1.65 -7.86 22.12
N ARG A 37 -2.47 -7.10 22.86
CA ARG A 37 -2.09 -6.53 24.15
C ARG A 37 -3.08 -6.92 25.23
N PRO A 38 -3.07 -8.19 25.68
CA PRO A 38 -4.07 -8.64 26.68
C PRO A 38 -3.88 -8.01 28.05
N SER A 39 -5.02 -7.70 28.71
CA SER A 39 -5.02 -7.36 30.11
C SER A 39 -4.59 -8.62 30.89
N MET A 40 -4.16 -8.44 32.13
CA MET A 40 -3.82 -9.62 32.94
C MET A 40 -4.93 -10.66 32.96
N GLU A 41 -6.18 -10.19 33.01
CA GLU A 41 -7.30 -11.11 33.10
C GLU A 41 -7.44 -11.95 31.82
N GLU A 42 -7.16 -11.35 30.66
CA GLU A 42 -7.26 -12.07 29.39
C GLU A 42 -6.04 -12.99 29.21
N PHE A 43 -4.91 -12.56 29.77
CA PHE A 43 -3.62 -13.18 29.48
C PHE A 43 -3.52 -14.51 30.26
N ARG A 44 -4.19 -14.55 31.39
CA ARG A 44 -3.90 -15.57 32.37
C ARG A 44 -3.91 -16.98 31.75
N GLU A 45 -4.93 -17.26 30.93
CA GLU A 45 -5.11 -18.56 30.33
C GLU A 45 -4.69 -18.69 28.85
N PHE A 46 -3.50 -19.26 28.63
CA PHE A 46 -2.92 -19.27 27.29
C PHE A 46 -3.85 -19.93 26.26
N ASN A 47 -4.45 -21.04 26.62
CA ASN A 47 -5.17 -21.83 25.59
C ASN A 47 -6.42 -21.06 25.16
N LYS A 48 -7.02 -20.38 26.12
CA LYS A 48 -8.21 -19.59 25.87
C LYS A 48 -7.84 -18.35 25.05
N TYR A 49 -6.74 -17.68 25.42
CA TYR A 49 -6.36 -16.53 24.64
C TYR A 49 -5.97 -16.88 23.19
N LEU A 50 -5.32 -18.04 23.01
CA LEU A 50 -4.98 -18.44 21.67
C LEU A 50 -6.23 -18.69 20.84
N ALA A 51 -7.28 -19.24 21.47
CA ALA A 51 -8.58 -19.41 20.79
C ALA A 51 -9.11 -18.04 20.34
N TYR A 52 -9.00 -17.04 21.22
CA TYR A 52 -9.40 -15.66 20.93
C TYR A 52 -8.61 -15.08 19.75
N MET A 53 -7.28 -15.19 19.76
CA MET A 53 -6.48 -14.70 18.62
C MET A 53 -6.94 -15.25 17.28
N GLU A 54 -7.21 -16.56 17.21
CA GLU A 54 -7.64 -17.15 15.95
C GLU A 54 -9.04 -16.73 15.57
N SER A 55 -9.87 -16.49 16.56
CA SER A 55 -11.19 -15.94 16.27
C SER A 55 -11.12 -14.55 15.62
N LYS A 56 -10.01 -13.84 15.82
CA LYS A 56 -9.79 -12.57 15.11
C LYS A 56 -9.03 -12.72 13.79
N GLY A 57 -8.71 -13.95 13.39
CA GLY A 57 -7.96 -14.16 12.15
C GLY A 57 -6.43 -14.02 12.24
N ALA A 58 -5.88 -14.13 13.45
CA ALA A 58 -4.44 -13.91 13.63
C ALA A 58 -3.66 -14.90 12.78
N HIS A 59 -4.19 -16.12 12.64
CA HIS A 59 -3.44 -17.20 12.02
C HIS A 59 -3.32 -17.02 10.51
N ARG A 60 -4.10 -16.10 9.92
CA ARG A 60 -3.98 -15.89 8.48
C ARG A 60 -2.60 -15.35 8.07
N ALA A 61 -1.94 -14.63 8.98
CA ALA A 61 -0.63 -14.05 8.71
C ALA A 61 0.50 -15.06 8.87
N GLY A 62 0.22 -16.15 9.59
CA GLY A 62 1.25 -17.20 9.82
C GLY A 62 2.00 -16.93 11.12
N LEU A 63 1.86 -15.69 11.61
CA LEU A 63 2.67 -15.18 12.72
C LEU A 63 1.88 -14.11 13.49
N ALA A 64 2.01 -14.10 14.81
CA ALA A 64 1.37 -13.02 15.61
C ALA A 64 2.27 -12.63 16.78
N LYS A 65 2.13 -11.40 17.25
CA LYS A 65 2.85 -10.98 18.44
C LYS A 65 1.87 -10.82 19.60
N VAL A 66 2.29 -11.23 20.81
CA VAL A 66 1.52 -10.99 22.02
C VAL A 66 2.41 -10.28 23.03
N ILE A 67 2.00 -9.08 23.41
CA ILE A 67 2.73 -8.32 24.42
C ILE A 67 2.00 -8.55 25.75
N PRO A 68 2.68 -9.18 26.71
CA PRO A 68 2.05 -9.47 27.97
C PRO A 68 1.88 -8.17 28.77
N PRO A 69 0.92 -8.16 29.69
CA PRO A 69 0.72 -6.98 30.55
C PRO A 69 1.98 -6.69 31.37
N LYS A 70 2.23 -5.41 31.65
CA LYS A 70 3.53 -4.97 32.15
C LYS A 70 4.00 -5.67 33.40
N GLU A 71 3.06 -5.91 34.30
CA GLU A 71 3.35 -6.48 35.60
C GLU A 71 3.78 -7.96 35.53
N TRP A 72 3.52 -8.64 34.42
CA TRP A 72 3.84 -10.05 34.39
C TRP A 72 5.35 -10.24 34.17
N LYS A 73 5.99 -11.04 35.01
CA LYS A 73 7.42 -11.31 34.86
C LYS A 73 7.73 -12.81 35.01
N PRO A 74 8.25 -13.44 33.94
CA PRO A 74 8.46 -14.88 34.04
C PRO A 74 9.73 -15.19 34.79
N ARG A 75 10.56 -14.18 34.96
CA ARG A 75 11.79 -14.32 35.71
C ARG A 75 12.16 -13.04 36.41
N GLN A 76 12.49 -13.14 37.70
CA GLN A 76 12.76 -11.95 38.50
C GLN A 76 14.08 -11.34 38.10
N CYS A 77 15.05 -12.19 37.80
CA CYS A 77 16.42 -11.72 37.59
C CYS A 77 17.15 -12.69 36.68
N TYR A 78 17.81 -12.18 35.64
CA TYR A 78 18.50 -13.02 34.67
C TYR A 78 20.01 -13.19 34.93
N ASP A 79 20.50 -12.65 36.05
CA ASP A 79 21.95 -12.57 36.22
C ASP A 79 22.61 -13.94 36.14
N ASP A 80 21.94 -14.97 36.65
CA ASP A 80 22.57 -16.27 36.76
C ASP A 80 22.73 -16.96 35.42
N ILE A 81 22.03 -16.45 34.41
CA ILE A 81 22.08 -17.08 33.12
C ILE A 81 23.41 -16.87 32.40
N ASP A 82 24.21 -15.94 32.92
CA ASP A 82 25.59 -15.77 32.47
C ASP A 82 26.43 -17.03 32.65
N ASN A 83 26.06 -17.85 33.61
CA ASN A 83 26.84 -19.02 33.99
C ASN A 83 26.43 -20.26 33.23
N LEU A 84 25.33 -20.18 32.50
CA LEU A 84 24.83 -21.33 31.72
C LEU A 84 25.85 -21.68 30.64
N LEU A 85 26.06 -22.98 30.42
CA LEU A 85 27.00 -23.46 29.39
C LEU A 85 26.30 -23.61 28.02
N ILE A 86 26.97 -23.20 26.94
CA ILE A 86 26.47 -23.42 25.59
C ILE A 86 27.39 -24.48 25.01
N PRO A 87 26.97 -25.75 25.07
CA PRO A 87 27.79 -26.92 24.73
C PRO A 87 28.33 -26.86 23.30
N ALA A 88 27.54 -26.44 22.33
CA ALA A 88 27.99 -26.49 20.93
C ALA A 88 27.59 -25.24 20.16
N PRO A 89 28.20 -24.09 20.47
CA PRO A 89 27.98 -22.91 19.63
C PRO A 89 28.23 -23.20 18.16
N ILE A 90 27.50 -22.53 17.29
CA ILE A 90 27.56 -22.79 15.88
C ILE A 90 27.96 -21.50 15.15
N GLN A 91 28.95 -21.59 14.29
CA GLN A 91 29.32 -20.51 13.39
C GLN A 91 28.64 -20.73 12.03
N GLN A 92 27.93 -19.70 11.60
CA GLN A 92 26.97 -19.76 10.53
C GLN A 92 27.66 -19.23 9.29
N MET A 93 27.87 -20.09 8.30
CA MET A 93 28.62 -19.75 7.09
C MET A 93 27.64 -19.57 5.95
N VAL A 94 27.51 -18.36 5.45
CA VAL A 94 26.51 -18.10 4.44
C VAL A 94 27.15 -17.85 3.06
N THR A 95 26.60 -18.45 2.01
CA THR A 95 27.19 -18.30 0.68
C THR A 95 26.06 -17.95 -0.29
N GLY A 96 26.32 -17.08 -1.26
CA GLY A 96 25.33 -16.76 -2.29
C GLY A 96 25.42 -15.27 -2.55
N GLN A 97 24.44 -14.69 -3.23
CA GLN A 97 24.48 -13.25 -3.48
C GLN A 97 23.13 -12.75 -3.89
N SER A 98 22.89 -11.47 -3.59
CA SER A 98 21.70 -10.70 -3.99
C SER A 98 20.40 -11.35 -3.58
N GLY A 99 20.27 -11.59 -2.29
CA GLY A 99 18.99 -12.03 -1.77
C GLY A 99 18.78 -13.53 -1.82
N LEU A 100 19.68 -14.28 -2.45
CA LEU A 100 19.51 -15.71 -2.47
C LEU A 100 20.74 -16.37 -1.87
N PHE A 101 20.58 -17.09 -0.76
CA PHE A 101 21.73 -17.67 -0.06
C PHE A 101 21.45 -19.06 0.46
N THR A 102 22.53 -19.79 0.69
CA THR A 102 22.52 -21.04 1.43
C THR A 102 23.53 -20.99 2.53
N GLN A 103 23.27 -21.67 3.62
CA GLN A 103 24.16 -21.55 4.75
C GLN A 103 24.56 -22.93 5.27
N TYR A 104 25.72 -23.04 5.90
CA TYR A 104 26.07 -24.30 6.59
C TYR A 104 26.72 -23.94 7.92
N ASN A 105 26.85 -24.92 8.80
CA ASN A 105 27.19 -24.67 10.20
C ASN A 105 28.57 -25.20 10.51
N ILE A 106 29.38 -24.43 11.22
CA ILE A 106 30.59 -25.00 11.77
C ILE A 106 30.48 -25.05 13.29
N GLN A 107 30.75 -26.21 13.89
CA GLN A 107 30.68 -26.29 15.34
C GLN A 107 31.89 -25.73 16.06
N LYS A 108 31.68 -24.92 17.10
CA LYS A 108 32.82 -24.34 17.83
C LYS A 108 32.88 -24.92 19.24
N LYS A 109 33.91 -24.55 20.00
CA LYS A 109 34.11 -25.11 21.32
C LYS A 109 33.05 -24.52 22.25
N ALA A 110 32.72 -25.29 23.29
CA ALA A 110 31.77 -24.85 24.33
C ALA A 110 32.18 -23.53 25.00
N MET A 111 31.21 -22.70 25.37
CA MET A 111 31.51 -21.47 26.07
C MET A 111 30.30 -21.07 26.94
N THR A 112 30.57 -20.35 28.01
CA THR A 112 29.48 -19.88 28.86
C THR A 112 28.76 -18.73 28.18
N VAL A 113 27.52 -18.50 28.58
CA VAL A 113 26.77 -17.36 28.08
C VAL A 113 27.57 -16.07 28.30
N LYS A 114 28.25 -15.97 29.43
CA LYS A 114 29.05 -14.76 29.66
C LYS A 114 30.11 -14.56 28.59
N GLU A 115 30.80 -15.64 28.22
CA GLU A 115 31.84 -15.52 27.21
C GLU A 115 31.21 -15.18 25.89
N PHE A 116 30.02 -15.75 25.66
CA PHE A 116 29.32 -15.57 24.39
C PHE A 116 28.85 -14.13 24.27
N ARG A 117 28.34 -13.58 25.36
CA ARG A 117 27.95 -12.17 25.35
C ARG A 117 29.15 -11.22 25.10
N GLN A 118 30.27 -11.50 25.75
CA GLN A 118 31.47 -10.68 25.50
C GLN A 118 31.97 -10.79 24.05
N LEU A 119 31.82 -11.96 23.47
CA LEU A 119 32.16 -12.15 22.05
C LEU A 119 31.22 -11.32 21.18
N ALA A 120 29.93 -11.44 21.48
CA ALA A 120 28.89 -10.76 20.73
C ALA A 120 29.14 -9.26 20.75
N ASN A 121 29.52 -8.75 21.91
CA ASN A 121 29.70 -7.33 22.07
C ASN A 121 31.02 -6.80 21.53
N SER A 122 31.98 -7.66 21.19
CA SER A 122 33.25 -7.19 20.61
C SER A 122 33.10 -6.49 19.28
N GLY A 123 34.11 -5.71 18.90
CA GLY A 123 34.07 -4.97 17.61
C GLY A 123 33.86 -5.86 16.37
N LYS A 124 34.38 -7.09 16.43
CA LYS A 124 34.23 -8.00 15.28
C LYS A 124 32.75 -8.44 15.05
N TYR A 125 31.99 -8.56 16.14
CA TYR A 125 30.66 -9.18 16.12
C TYR A 125 29.50 -8.24 16.46
N CYS A 126 29.77 -7.03 16.99
CA CYS A 126 28.67 -6.23 17.57
C CYS A 126 27.76 -5.67 16.50
N THR A 127 26.55 -5.31 16.88
CA THR A 127 25.61 -4.61 16.01
C THR A 127 26.27 -3.35 15.43
N PRO A 128 26.07 -3.09 14.12
CA PRO A 128 26.57 -1.81 13.59
C PRO A 128 25.71 -0.63 14.10
N ARG A 129 26.24 0.59 13.95
CA ARG A 129 25.43 1.80 14.20
C ARG A 129 24.31 1.81 13.20
N TYR A 130 23.14 2.32 13.58
CA TYR A 130 22.02 2.35 12.64
C TYR A 130 21.01 3.40 13.01
N LEU A 131 20.18 3.82 12.06
CA LEU A 131 19.22 4.90 12.35
C LEU A 131 17.94 4.32 12.97
N ASP A 132 17.35 3.35 12.27
CA ASP A 132 16.12 2.67 12.68
C ASP A 132 16.13 1.24 12.13
N TYR A 133 15.14 0.45 12.53
CA TYR A 133 15.12 -0.96 12.17
C TYR A 133 15.21 -1.17 10.65
N GLU A 134 14.64 -0.27 9.86
CA GLU A 134 14.68 -0.42 8.41
C GLU A 134 16.14 -0.33 7.93
N ASP A 135 16.90 0.52 8.60
CA ASP A 135 18.32 0.76 8.25
C ASP A 135 19.13 -0.50 8.64
N LEU A 136 18.91 -0.96 9.87
CA LEU A 136 19.59 -2.17 10.35
C LEU A 136 19.27 -3.34 9.43
N GLU A 137 18.02 -3.47 8.98
CA GLU A 137 17.67 -4.56 8.05
C GLU A 137 18.49 -4.52 6.71
N ARG A 138 18.62 -3.32 6.15
CA ARG A 138 19.44 -3.11 4.95
C ARG A 138 20.87 -3.55 5.19
N LYS A 139 21.39 -3.25 6.37
CA LYS A 139 22.74 -3.60 6.74
C LYS A 139 22.90 -5.10 6.92
N TYR A 140 21.89 -5.74 7.49
CA TYR A 140 21.85 -7.22 7.55
C TYR A 140 22.10 -7.84 6.17
N TRP A 141 21.25 -7.53 5.20
CA TRP A 141 21.29 -8.15 3.89
C TRP A 141 22.56 -7.75 3.09
N LYS A 142 23.11 -6.58 3.39
CA LYS A 142 24.35 -6.07 2.72
C LYS A 142 25.61 -6.75 3.29
N ASN A 143 25.56 -7.20 4.54
CA ASN A 143 26.76 -7.71 5.22
C ASN A 143 26.83 -9.23 5.51
N LEU A 144 25.81 -9.97 5.05
CA LEU A 144 25.67 -11.40 5.31
C LEU A 144 26.90 -12.23 5.01
N THR A 145 27.60 -11.90 3.93
CA THR A 145 28.73 -12.73 3.52
C THR A 145 30.11 -12.19 3.87
N PHE A 146 30.19 -11.31 4.87
CA PHE A 146 31.46 -10.95 5.49
C PHE A 146 31.67 -11.77 6.77
N VAL A 147 31.87 -11.15 7.93
CA VAL A 147 32.20 -11.90 9.15
C VAL A 147 31.07 -12.91 9.50
N ALA A 148 31.42 -14.17 9.80
CA ALA A 148 30.43 -15.22 10.10
C ALA A 148 30.07 -15.18 11.58
N PRO A 149 28.80 -14.93 11.89
CA PRO A 149 28.42 -14.85 13.29
C PRO A 149 28.19 -16.24 13.94
N ILE A 150 28.10 -16.24 15.27
CA ILE A 150 28.05 -17.44 16.09
C ILE A 150 26.77 -17.42 16.93
N TYR A 151 26.14 -18.59 17.12
CA TYR A 151 24.95 -18.64 17.97
C TYR A 151 24.89 -19.94 18.76
N GLY A 152 24.08 -19.96 19.81
CA GLY A 152 23.82 -21.25 20.50
C GLY A 152 22.36 -21.55 20.34
N ALA A 153 22.02 -22.79 19.97
CA ALA A 153 20.63 -23.08 19.62
C ALA A 153 20.25 -24.47 20.13
N ASP A 154 18.96 -24.66 20.37
CA ASP A 154 18.46 -25.99 20.73
C ASP A 154 19.13 -26.50 22.01
N ILE A 155 19.30 -25.59 22.94
CA ILE A 155 19.76 -25.93 24.28
C ILE A 155 18.51 -26.33 25.08
N ASN A 156 18.50 -27.54 25.64
CA ASN A 156 17.33 -27.99 26.37
C ASN A 156 17.17 -27.21 27.69
N GLY A 157 15.97 -26.70 27.96
CA GLY A 157 15.67 -26.18 29.29
C GLY A 157 14.90 -24.89 29.18
N SER A 158 14.21 -24.54 30.26
CA SER A 158 13.43 -23.31 30.37
C SER A 158 14.12 -22.45 31.44
N ILE A 159 14.07 -21.13 31.29
CA ILE A 159 14.59 -20.32 32.35
C ILE A 159 13.50 -19.51 33.05
N TYR A 160 12.23 -19.87 32.88
CA TYR A 160 11.18 -19.30 33.77
C TYR A 160 11.48 -19.54 35.24
N ASP A 161 11.07 -18.65 36.13
CA ASP A 161 11.09 -18.99 37.55
C ASP A 161 10.12 -20.13 37.82
N GLU A 162 10.49 -21.04 38.74
CA GLU A 162 9.52 -21.91 39.42
C GLU A 162 8.20 -21.18 39.70
N GLY A 163 7.09 -21.85 39.44
CA GLY A 163 5.81 -21.42 39.96
C GLY A 163 5.06 -20.50 39.04
N VAL A 164 5.70 -20.10 37.94
CA VAL A 164 5.05 -19.21 36.98
C VAL A 164 4.03 -20.01 36.18
N ASP A 165 2.75 -19.69 36.33
CA ASP A 165 1.73 -20.58 35.77
C ASP A 165 1.12 -20.08 34.47
N GLU A 166 1.37 -18.81 34.14
CA GLU A 166 0.83 -18.25 32.92
C GLU A 166 1.83 -18.44 31.77
N TRP A 167 1.38 -18.98 30.64
CA TRP A 167 2.16 -18.98 29.41
C TRP A 167 3.54 -19.61 29.68
N ASN A 168 3.52 -20.68 30.47
CA ASN A 168 4.74 -21.38 30.79
C ASN A 168 5.12 -22.35 29.66
N ILE A 169 6.10 -21.93 28.87
CA ILE A 169 6.56 -22.66 27.70
C ILE A 169 6.85 -24.16 27.99
N ALA A 170 7.22 -24.49 29.22
CA ALA A 170 7.52 -25.86 29.56
C ALA A 170 6.25 -26.69 29.83
N ARG A 171 5.09 -26.06 30.01
CA ARG A 171 3.86 -26.82 30.27
C ARG A 171 2.62 -26.05 29.80
N LEU A 172 2.45 -25.98 28.50
CA LEU A 172 1.38 -25.24 27.90
C LEU A 172 0.05 -25.98 27.95
N ASN A 173 0.13 -27.29 28.19
CA ASN A 173 -1.08 -28.12 28.24
C ASN A 173 -1.92 -28.00 26.99
N THR A 174 -1.34 -28.34 25.85
CA THR A 174 -2.11 -28.43 24.61
C THR A 174 -2.39 -29.89 24.28
N VAL A 175 -3.03 -30.13 23.16
CA VAL A 175 -3.34 -31.48 22.73
C VAL A 175 -2.09 -32.37 22.61
N LEU A 176 -0.91 -31.80 22.28
CA LEU A 176 0.33 -32.57 22.34
C LEU A 176 0.54 -33.23 23.71
N ASP A 177 0.35 -32.44 24.77
CA ASP A 177 0.58 -32.93 26.11
C ASP A 177 -0.44 -34.00 26.50
N VAL A 178 -1.67 -33.83 26.03
CA VAL A 178 -2.76 -34.74 26.40
C VAL A 178 -2.41 -36.14 25.86
N VAL A 179 -1.98 -36.16 24.61
CA VAL A 179 -1.73 -37.40 23.90
C VAL A 179 -0.54 -38.13 24.51
N GLU A 180 0.46 -37.35 24.92
CA GLU A 180 1.63 -37.87 25.62
C GLU A 180 1.36 -38.42 27.03
N GLU A 181 0.74 -37.61 27.89
CA GLU A 181 0.42 -38.03 29.26
C GLU A 181 -0.72 -39.06 29.36
N GLU A 182 -1.78 -38.89 28.58
CA GLU A 182 -2.94 -39.78 28.70
C GLU A 182 -2.78 -41.04 27.89
N CYS A 183 -2.19 -40.92 26.71
CA CYS A 183 -2.24 -42.01 25.76
C CYS A 183 -0.92 -42.66 25.64
N GLY A 184 0.08 -42.07 26.30
CA GLY A 184 1.45 -42.59 26.33
C GLY A 184 2.20 -42.56 25.00
N ILE A 185 1.86 -41.63 24.12
CA ILE A 185 2.43 -41.62 22.78
C ILE A 185 3.65 -40.67 22.76
N SER A 186 4.78 -41.12 22.23
CA SER A 186 5.99 -40.28 22.14
C SER A 186 5.73 -39.09 21.21
N ILE A 187 6.04 -37.87 21.66
CA ILE A 187 5.94 -36.70 20.79
C ILE A 187 7.35 -36.17 20.40
N GLU A 188 8.36 -37.02 20.61
CA GLU A 188 9.64 -36.84 19.91
C GLU A 188 10.34 -35.57 20.42
N GLY A 189 10.00 -35.11 21.61
CA GLY A 189 10.75 -34.04 22.23
C GLY A 189 10.34 -32.66 21.74
N VAL A 190 9.41 -32.57 20.80
CA VAL A 190 9.07 -31.25 20.22
C VAL A 190 8.31 -30.34 21.19
N ASN A 191 7.69 -30.90 22.23
CA ASN A 191 6.95 -30.04 23.17
C ASN A 191 7.78 -29.71 24.40
N THR A 192 9.10 -29.77 24.29
CA THR A 192 9.89 -29.38 25.42
C THR A 192 10.61 -28.06 25.04
N PRO A 193 11.06 -27.31 26.06
CA PRO A 193 11.55 -25.93 25.84
C PRO A 193 13.03 -25.90 25.46
N TYR A 194 13.37 -24.99 24.55
CA TYR A 194 14.73 -24.85 24.00
C TYR A 194 15.13 -23.38 24.07
N LEU A 195 16.42 -23.10 24.25
CA LEU A 195 16.92 -21.75 24.30
C LEU A 195 17.73 -21.45 23.08
N TYR A 196 17.69 -20.19 22.64
CA TYR A 196 18.50 -19.69 21.54
C TYR A 196 19.24 -18.45 22.04
N PHE A 197 20.54 -18.40 21.80
CA PHE A 197 21.33 -17.21 22.16
C PHE A 197 21.87 -16.62 20.88
N GLY A 198 21.38 -15.44 20.54
CA GLY A 198 21.71 -14.83 19.25
C GLY A 198 22.81 -13.79 19.39
N MET A 199 23.44 -13.44 18.26
CA MET A 199 24.19 -12.17 18.17
C MET A 199 23.77 -11.49 16.86
N TRP A 200 24.37 -10.35 16.58
CA TRP A 200 24.00 -9.58 15.39
C TRP A 200 24.22 -10.48 14.18
N LYS A 201 23.24 -10.50 13.26
CA LYS A 201 23.39 -11.11 11.97
C LYS A 201 23.19 -12.65 11.99
N THR A 202 22.94 -13.25 13.16
CA THR A 202 22.65 -14.68 13.15
C THR A 202 21.20 -14.84 12.69
N THR A 203 20.96 -15.91 11.93
CA THR A 203 19.85 -15.92 10.99
C THR A 203 19.00 -17.15 11.29
N PHE A 204 17.68 -17.03 11.25
CA PHE A 204 16.90 -18.26 11.07
C PHE A 204 16.33 -18.30 9.66
N ALA A 205 16.72 -19.33 8.92
CA ALA A 205 16.33 -19.46 7.52
C ALA A 205 14.85 -19.90 7.37
N TRP A 206 14.33 -19.85 6.14
CA TRP A 206 12.92 -20.03 5.90
C TRP A 206 12.51 -21.46 6.29
N HIS A 207 11.45 -21.59 7.10
CA HIS A 207 11.01 -22.93 7.49
C HIS A 207 9.56 -22.85 8.02
N THR A 208 8.85 -23.98 8.02
CA THR A 208 7.72 -24.15 8.92
C THR A 208 8.21 -25.10 10.02
N GLU A 209 7.42 -25.26 11.06
CA GLU A 209 7.82 -26.09 12.19
C GLU A 209 7.78 -27.56 11.79
N ASP A 210 8.52 -28.40 12.51
CA ASP A 210 8.34 -29.86 12.39
C ASP A 210 6.85 -30.18 12.35
N MET A 211 6.47 -31.08 11.43
CA MET A 211 5.09 -31.56 11.30
C MET A 211 4.11 -30.41 11.10
N ASP A 212 4.62 -29.24 10.73
CA ASP A 212 3.79 -28.03 10.56
C ASP A 212 3.01 -27.63 11.80
N LEU A 213 3.59 -27.91 12.97
CA LEU A 213 3.07 -27.48 14.26
C LEU A 213 3.06 -25.94 14.43
N TYR A 214 2.46 -25.50 15.53
CA TYR A 214 2.64 -24.12 16.00
C TYR A 214 4.00 -24.02 16.70
N SER A 215 4.48 -22.79 16.89
CA SER A 215 5.56 -22.58 17.87
C SER A 215 5.28 -21.33 18.67
N ILE A 216 5.94 -21.20 19.82
CA ILE A 216 5.85 -20.01 20.63
C ILE A 216 7.29 -19.66 20.99
N ASN A 217 7.60 -18.37 20.94
CA ASN A 217 8.94 -17.89 21.21
C ASN A 217 8.81 -16.68 22.13
N TYR A 218 9.43 -16.77 23.30
CA TYR A 218 9.54 -15.60 24.20
C TYR A 218 10.96 -15.09 24.17
N LEU A 219 11.12 -13.77 23.96
CA LEU A 219 12.46 -13.16 23.96
C LEU A 219 12.76 -12.69 25.39
N HIS A 220 13.50 -13.49 26.15
CA HIS A 220 13.78 -13.16 27.54
C HIS A 220 14.47 -11.80 27.74
N PHE A 221 15.62 -11.63 27.09
CA PHE A 221 16.37 -10.38 27.27
C PHE A 221 17.23 -10.13 26.07
N GLY A 222 17.77 -8.90 25.98
CA GLY A 222 18.75 -8.59 24.96
C GLY A 222 18.09 -7.89 23.79
N GLU A 223 18.81 -7.86 22.67
CA GLU A 223 18.39 -7.04 21.55
C GLU A 223 17.31 -7.72 20.75
N PRO A 224 16.70 -6.98 19.83
CA PRO A 224 15.48 -7.49 19.23
C PRO A 224 15.72 -8.67 18.27
N LYS A 225 14.63 -9.28 17.82
CA LYS A 225 14.71 -10.29 16.79
C LYS A 225 13.75 -9.86 15.67
N SER A 226 14.23 -9.75 14.43
CA SER A 226 13.30 -9.36 13.34
C SER A 226 12.77 -10.62 12.64
N TRP A 227 11.52 -10.57 12.15
CA TRP A 227 10.87 -11.76 11.58
C TRP A 227 10.29 -11.38 10.20
N TYR A 228 10.25 -12.33 9.29
CA TYR A 228 9.41 -12.27 8.08
C TYR A 228 8.47 -13.46 8.15
N ALA A 229 7.28 -13.35 7.56
CA ALA A 229 6.30 -14.43 7.61
C ALA A 229 5.50 -14.39 6.35
N ILE A 230 5.18 -15.58 5.83
CA ILE A 230 4.31 -15.73 4.66
C ILE A 230 2.98 -16.39 5.08
N PRO A 231 1.85 -15.80 4.65
CA PRO A 231 0.57 -16.35 5.10
C PRO A 231 0.50 -17.84 4.73
N PRO A 232 -0.05 -18.69 5.63
CA PRO A 232 -0.13 -20.12 5.25
C PRO A 232 -0.83 -20.31 3.90
N GLU A 233 -1.81 -19.47 3.59
CA GLU A 233 -2.48 -19.59 2.29
C GLU A 233 -1.63 -19.31 1.09
N HIS A 234 -0.43 -18.79 1.29
CA HIS A 234 0.50 -18.54 0.18
C HIS A 234 1.78 -19.34 0.30
N GLY A 235 1.79 -20.26 1.27
CA GLY A 235 3.01 -21.04 1.51
C GLY A 235 3.51 -21.79 0.30
N LYS A 236 2.59 -22.39 -0.47
CA LYS A 236 3.01 -23.13 -1.68
C LYS A 236 3.75 -22.27 -2.72
N ARG A 237 3.41 -20.98 -2.77
CA ARG A 237 4.10 -20.08 -3.67
C ARG A 237 5.53 -19.83 -3.25
N LEU A 238 5.78 -19.88 -1.95
CA LEU A 238 7.15 -19.75 -1.50
C LEU A 238 7.90 -21.03 -1.85
N GLU A 239 7.27 -22.18 -1.60
CA GLU A 239 7.87 -23.44 -2.03
C GLU A 239 8.21 -23.47 -3.52
N ARG A 240 7.31 -23.01 -4.39
CA ARG A 240 7.61 -23.04 -5.82
C ARG A 240 8.74 -22.11 -6.24
N LEU A 241 8.82 -20.95 -5.63
CA LEU A 241 9.93 -20.02 -5.84
C LEU A 241 11.26 -20.62 -5.39
N ALA A 242 11.29 -21.16 -4.16
CA ALA A 242 12.49 -21.83 -3.69
C ALA A 242 12.97 -22.99 -4.58
N GLN A 243 12.05 -23.88 -4.98
CA GLN A 243 12.39 -25.00 -5.88
C GLN A 243 13.02 -24.48 -7.18
N GLY A 244 12.53 -23.34 -7.66
CA GLY A 244 13.02 -22.67 -8.86
C GLY A 244 14.40 -22.05 -8.73
N PHE A 245 14.69 -21.47 -7.57
CA PHE A 245 16.01 -20.94 -7.30
C PHE A 245 17.01 -21.92 -6.75
N PHE A 246 16.55 -23.06 -6.23
CA PHE A 246 17.47 -23.98 -5.57
C PHE A 246 17.25 -25.39 -6.07
N PRO A 247 17.30 -25.59 -7.40
CA PRO A 247 16.78 -26.79 -8.01
C PRO A 247 17.63 -28.00 -7.65
N SER A 248 18.89 -27.72 -7.32
CA SER A 248 19.78 -28.71 -6.77
C SER A 248 19.24 -29.24 -5.44
N SER A 249 19.19 -28.37 -4.43
CA SER A 249 18.58 -28.72 -3.15
C SER A 249 17.25 -29.47 -3.34
N SER A 250 16.46 -29.02 -4.30
CA SER A 250 15.10 -29.51 -4.48
C SER A 250 15.12 -30.96 -4.94
N GLN A 251 16.02 -31.23 -5.88
CA GLN A 251 16.25 -32.59 -6.35
C GLN A 251 16.59 -33.57 -5.25
N GLY A 252 17.39 -33.14 -4.27
CA GLY A 252 17.84 -34.02 -3.19
C GLY A 252 16.78 -34.30 -2.15
N CYS A 253 15.82 -33.39 -2.00
CA CYS A 253 14.83 -33.55 -0.94
C CYS A 253 13.60 -32.72 -1.26
N ASP A 254 12.47 -33.40 -1.30
CA ASP A 254 11.19 -32.77 -1.53
C ASP A 254 10.85 -31.73 -0.47
N ALA A 255 11.32 -31.91 0.76
CA ALA A 255 11.07 -30.88 1.79
C ALA A 255 12.36 -30.22 2.26
N PHE A 256 13.15 -29.74 1.31
CA PHE A 256 14.48 -29.28 1.64
C PHE A 256 14.46 -27.99 2.46
N LEU A 257 13.40 -27.20 2.37
CA LEU A 257 13.33 -26.06 3.28
C LEU A 257 13.34 -26.47 4.74
N ARG A 258 12.95 -27.71 5.06
CA ARG A 258 13.10 -28.14 6.45
C ARG A 258 14.53 -28.30 6.91
N HIS A 259 15.49 -28.26 6.00
CA HIS A 259 16.87 -28.25 6.46
C HIS A 259 17.25 -26.92 7.15
N LYS A 260 16.42 -25.90 7.01
CA LYS A 260 16.74 -24.58 7.56
C LYS A 260 18.08 -24.04 7.11
N MET A 261 18.38 -24.21 5.82
CA MET A 261 19.62 -23.70 5.29
C MET A 261 19.42 -22.70 4.15
N THR A 262 18.17 -22.31 3.89
CA THR A 262 17.82 -21.49 2.70
C THR A 262 17.33 -20.07 3.01
N LEU A 263 18.11 -19.06 2.58
CA LEU A 263 17.79 -17.66 2.83
C LEU A 263 17.27 -16.99 1.57
N ILE A 264 16.18 -16.25 1.73
CA ILE A 264 15.58 -15.54 0.61
C ILE A 264 15.12 -14.19 1.09
N SER A 265 15.66 -13.13 0.48
CA SER A 265 15.40 -11.79 1.01
C SER A 265 14.02 -11.24 0.61
N PRO A 266 13.55 -10.26 1.36
CA PRO A 266 12.27 -9.60 1.04
C PRO A 266 12.29 -8.90 -0.32
N SER A 267 13.47 -8.45 -0.77
CA SER A 267 13.61 -7.89 -2.11
C SER A 267 13.25 -8.91 -3.18
N VAL A 268 13.74 -10.13 -3.00
CA VAL A 268 13.42 -11.22 -3.92
C VAL A 268 11.94 -11.61 -3.82
N LEU A 269 11.41 -11.70 -2.61
CA LEU A 269 9.97 -11.95 -2.47
C LEU A 269 9.10 -10.91 -3.18
N LYS A 270 9.38 -9.63 -2.95
CA LYS A 270 8.67 -8.53 -3.63
C LYS A 270 8.77 -8.66 -5.14
N LYS A 271 9.97 -8.88 -5.66
CA LYS A 271 10.15 -9.09 -7.09
C LYS A 271 9.24 -10.18 -7.70
N TYR A 272 9.16 -11.34 -7.08
CA TYR A 272 8.30 -12.41 -7.60
C TYR A 272 6.89 -12.43 -7.00
N GLY A 273 6.49 -11.31 -6.41
CA GLY A 273 5.15 -11.12 -5.91
C GLY A 273 4.65 -12.11 -4.88
N ILE A 274 5.53 -12.63 -4.02
CA ILE A 274 5.07 -13.52 -2.96
C ILE A 274 4.66 -12.64 -1.79
N PRO A 275 3.42 -12.77 -1.29
CA PRO A 275 3.01 -11.91 -0.20
C PRO A 275 3.70 -12.32 1.12
N PHE A 276 4.08 -11.33 1.90
CA PHE A 276 4.76 -11.57 3.17
C PHE A 276 4.55 -10.35 4.02
N ASP A 277 4.92 -10.44 5.29
CA ASP A 277 4.89 -9.29 6.17
C ASP A 277 6.12 -9.40 7.07
N LYS A 278 6.47 -8.29 7.71
CA LYS A 278 7.60 -8.26 8.64
C LYS A 278 7.25 -7.55 9.93
N ILE A 279 7.99 -7.88 10.98
CA ILE A 279 7.72 -7.29 12.28
C ILE A 279 8.95 -7.56 13.12
N THR A 280 9.18 -6.74 14.15
CA THR A 280 10.30 -6.96 15.04
C THR A 280 9.80 -7.26 16.43
N GLN A 281 10.39 -8.26 17.08
CA GLN A 281 9.99 -8.70 18.41
C GLN A 281 11.01 -8.06 19.38
N GLU A 282 10.54 -7.42 20.45
CA GLU A 282 11.47 -6.83 21.45
C GLU A 282 11.51 -7.68 22.67
N ALA A 283 12.46 -7.44 23.56
CA ALA A 283 12.55 -8.22 24.77
C ALA A 283 11.25 -8.13 25.56
N GLY A 284 10.81 -9.26 26.10
CA GLY A 284 9.58 -9.32 26.88
C GLY A 284 8.37 -9.66 26.01
N GLU A 285 8.54 -9.97 24.75
CA GLU A 285 7.39 -10.19 23.85
C GLU A 285 7.32 -11.61 23.32
N PHE A 286 6.11 -12.09 23.06
CA PHE A 286 5.93 -13.45 22.51
C PHE A 286 5.68 -13.30 21.05
N MET A 287 6.12 -14.30 20.27
CA MET A 287 5.66 -14.45 18.88
C MET A 287 5.07 -15.85 18.81
N ILE A 288 3.91 -15.98 18.18
CA ILE A 288 3.32 -17.30 17.90
C ILE A 288 3.40 -17.55 16.43
N THR A 289 3.93 -18.69 16.01
CA THR A 289 3.82 -19.07 14.61
C THR A 289 2.72 -20.12 14.48
N PHE A 290 2.04 -20.11 13.34
CA PHE A 290 0.84 -20.95 13.17
C PHE A 290 1.15 -22.06 12.18
N PRO A 291 0.35 -23.14 12.18
CA PRO A 291 0.63 -24.26 11.28
C PRO A 291 0.86 -23.81 9.84
N TYR A 292 1.96 -24.28 9.23
CA TYR A 292 2.27 -24.00 7.82
C TYR A 292 2.53 -22.52 7.57
N GLY A 293 2.94 -21.81 8.62
CA GLY A 293 3.31 -20.39 8.48
C GLY A 293 4.82 -20.33 8.32
N TYR A 294 5.28 -20.15 7.06
CA TYR A 294 6.73 -20.02 6.81
C TYR A 294 7.27 -18.72 7.45
N HIS A 295 8.41 -18.84 8.14
CA HIS A 295 9.01 -17.67 8.82
C HIS A 295 10.51 -17.75 8.65
N ALA A 296 11.15 -16.60 8.76
CA ALA A 296 12.59 -16.45 8.72
C ALA A 296 12.92 -15.12 9.43
N GLY A 297 14.18 -14.94 9.84
CA GLY A 297 14.56 -13.64 10.41
C GLY A 297 15.98 -13.62 10.91
N PHE A 298 16.28 -12.65 11.77
CA PHE A 298 17.65 -12.49 12.22
C PHE A 298 17.70 -11.74 13.56
N ASN A 299 18.78 -11.95 14.30
CA ASN A 299 18.96 -11.27 15.57
C ASN A 299 19.69 -9.96 15.41
N HIS A 300 19.25 -8.97 16.16
CA HIS A 300 19.83 -7.61 16.10
C HIS A 300 21.15 -7.57 16.85
N GLY A 301 21.30 -8.42 17.87
CA GLY A 301 22.44 -8.32 18.77
C GLY A 301 22.35 -9.42 19.80
N PHE A 302 23.18 -9.34 20.84
CA PHE A 302 23.13 -10.41 21.83
C PHE A 302 21.73 -10.53 22.45
N ASN A 303 21.17 -11.75 22.46
CA ASN A 303 19.87 -11.97 23.04
C ASN A 303 19.65 -13.41 23.44
N CYS A 304 18.53 -13.64 24.14
CA CYS A 304 18.19 -14.98 24.61
C CYS A 304 16.68 -15.17 24.48
N ALA A 305 16.29 -16.24 23.80
CA ALA A 305 14.87 -16.52 23.52
C ALA A 305 14.59 -17.97 23.92
N GLU A 306 13.37 -18.24 24.39
CA GLU A 306 12.96 -19.60 24.73
C GLU A 306 11.79 -19.99 23.81
N SER A 307 11.77 -21.21 23.28
CA SER A 307 10.60 -21.58 22.47
C SER A 307 10.30 -23.07 22.55
N THR A 308 9.12 -23.41 22.07
CA THR A 308 8.71 -24.80 21.95
C THR A 308 7.68 -24.92 20.83
N ASN A 309 7.32 -26.16 20.48
CA ASN A 309 6.21 -26.38 19.59
C ASN A 309 4.99 -26.79 20.39
N PHE A 310 3.82 -26.59 19.81
CA PHE A 310 2.59 -27.03 20.44
C PHE A 310 1.53 -27.24 19.37
N ALA A 311 0.40 -27.83 19.75
CA ALA A 311 -0.67 -28.12 18.80
C ALA A 311 -2.03 -27.80 19.42
N THR A 312 -3.00 -27.59 18.53
CA THR A 312 -4.42 -27.51 18.88
C THR A 312 -5.10 -28.45 17.92
N VAL A 313 -6.41 -28.52 18.03
CA VAL A 313 -7.17 -29.48 17.23
C VAL A 313 -7.11 -29.01 15.77
N ARG A 314 -7.06 -27.69 15.55
CA ARG A 314 -7.05 -27.16 14.19
C ARG A 314 -5.79 -27.62 13.43
N TRP A 315 -4.73 -27.87 14.18
CA TRP A 315 -3.47 -28.35 13.60
C TRP A 315 -3.57 -29.75 12.95
N ILE A 316 -4.52 -30.58 13.40
CA ILE A 316 -4.49 -32.01 13.06
C ILE A 316 -4.50 -32.23 11.55
N ASP A 317 -5.33 -31.45 10.85
CA ASP A 317 -5.39 -31.58 9.39
C ASP A 317 -4.11 -31.12 8.69
N TYR A 318 -3.35 -30.23 9.32
CA TYR A 318 -1.99 -29.85 8.78
C TYR A 318 -1.02 -30.97 9.00
N GLY A 319 -1.06 -31.59 10.17
CA GLY A 319 -0.10 -32.66 10.44
C GLY A 319 -0.31 -33.86 9.53
N LYS A 320 -1.57 -34.18 9.26
CA LYS A 320 -1.90 -35.26 8.33
C LYS A 320 -1.37 -35.05 6.92
N VAL A 321 -1.17 -33.80 6.50
CA VAL A 321 -0.68 -33.60 5.14
C VAL A 321 0.72 -33.00 5.07
N ALA A 322 1.41 -32.87 6.20
CA ALA A 322 2.69 -32.14 6.20
C ALA A 322 3.67 -32.91 5.31
N LYS A 323 4.45 -32.21 4.49
CA LYS A 323 5.35 -32.90 3.53
C LYS A 323 6.72 -32.99 4.21
N LEU A 324 7.19 -34.21 4.51
CA LEU A 324 8.36 -34.41 5.40
C LEU A 324 9.70 -34.62 4.64
N CYS A 325 10.82 -34.40 5.33
CA CYS A 325 12.15 -34.55 4.73
C CYS A 325 12.47 -36.05 4.61
N THR A 326 12.97 -36.45 3.46
CA THR A 326 13.20 -37.85 3.21
C THR A 326 14.70 -38.16 3.39
N CYS A 327 15.52 -37.11 3.35
CA CYS A 327 16.99 -37.12 3.27
C CYS A 327 17.73 -37.93 4.28
N ARG A 328 17.49 -37.58 5.54
CA ARG A 328 18.30 -38.11 6.62
C ARG A 328 17.39 -38.79 7.61
N LYS A 329 18.01 -39.61 8.45
CA LYS A 329 17.35 -40.78 8.96
C LYS A 329 16.60 -40.40 10.24
N ASP A 330 16.76 -39.15 10.65
CA ASP A 330 16.49 -38.78 12.04
C ASP A 330 15.49 -37.62 12.25
N MET A 331 14.90 -37.12 11.15
CA MET A 331 14.01 -35.97 11.22
C MET A 331 12.80 -36.32 12.06
N VAL A 332 12.12 -35.29 12.57
CA VAL A 332 10.98 -35.47 13.48
C VAL A 332 9.76 -35.91 12.69
N LYS A 333 9.19 -37.03 13.09
CA LYS A 333 7.94 -37.48 12.51
C LYS A 333 7.09 -37.94 13.65
N ILE A 334 5.90 -37.36 13.76
CA ILE A 334 4.95 -37.84 14.75
C ILE A 334 3.83 -38.59 14.06
N SER A 335 3.47 -39.76 14.57
CA SER A 335 2.37 -40.52 13.97
C SER A 335 1.04 -39.77 14.25
N MET A 336 0.22 -39.58 13.22
CA MET A 336 -1.00 -38.83 13.38
C MET A 336 -2.16 -39.67 13.93
N ASP A 337 -1.89 -40.96 14.06
CA ASP A 337 -2.96 -41.93 14.30
C ASP A 337 -3.80 -41.56 15.52
N ILE A 338 -3.12 -41.35 16.64
CA ILE A 338 -3.81 -41.01 17.88
C ILE A 338 -4.66 -39.76 17.82
N PHE A 339 -4.23 -38.77 17.01
CA PHE A 339 -4.93 -37.48 16.95
C PHE A 339 -6.18 -37.61 16.12
N VAL A 340 -6.11 -38.36 15.02
CA VAL A 340 -7.30 -38.61 14.23
C VAL A 340 -8.27 -39.52 15.02
N ARG A 341 -7.76 -40.54 15.71
CA ARG A 341 -8.64 -41.48 16.37
C ARG A 341 -9.43 -40.74 17.48
N LYS A 342 -8.72 -39.95 18.28
CA LYS A 342 -9.34 -39.27 19.42
C LYS A 342 -10.15 -38.03 19.06
N PHE A 343 -9.59 -37.14 18.22
CA PHE A 343 -10.27 -35.87 17.96
C PHE A 343 -11.07 -35.80 16.68
N GLN A 344 -10.87 -36.75 15.77
CA GLN A 344 -11.62 -36.79 14.51
C GLN A 344 -12.24 -38.17 14.30
N PRO A 345 -12.95 -38.70 15.32
CA PRO A 345 -13.37 -40.14 15.25
C PRO A 345 -14.26 -40.44 14.05
N ASP A 346 -15.01 -39.41 13.65
CA ASP A 346 -15.85 -39.41 12.47
C ASP A 346 -15.06 -39.66 11.17
N ARG A 347 -13.75 -39.43 11.19
CA ARG A 347 -12.96 -39.49 9.96
C ARG A 347 -11.93 -40.59 9.98
N TYR A 348 -11.77 -41.19 11.15
CA TYR A 348 -10.60 -42.02 11.42
C TYR A 348 -10.43 -43.18 10.40
N GLN A 349 -11.52 -43.92 10.15
CA GLN A 349 -11.45 -45.06 9.22
C GLN A 349 -11.29 -44.66 7.74
N LEU A 350 -11.94 -43.56 7.38
CA LEU A 350 -11.74 -42.92 6.10
C LEU A 350 -10.26 -42.51 5.92
N TRP A 351 -9.70 -41.96 6.98
CA TRP A 351 -8.29 -41.58 6.96
C TRP A 351 -7.37 -42.79 6.80
N LYS A 352 -7.57 -43.84 7.60
CA LYS A 352 -6.67 -44.98 7.49
C LYS A 352 -6.81 -45.69 6.16
N GLN A 353 -7.95 -45.56 5.50
CA GLN A 353 -8.06 -46.11 4.16
C GLN A 353 -7.56 -45.20 3.02
N GLY A 354 -6.79 -44.16 3.35
CA GLY A 354 -6.27 -43.21 2.35
C GLY A 354 -7.36 -42.45 1.62
N LYS A 355 -8.55 -42.36 2.21
CA LYS A 355 -9.66 -41.71 1.56
C LYS A 355 -10.08 -40.36 2.18
N ASP A 356 -9.33 -39.85 3.14
CA ASP A 356 -9.74 -38.61 3.81
C ASP A 356 -9.09 -37.45 3.06
N ILE A 357 -9.68 -37.09 1.92
CA ILE A 357 -9.03 -36.10 1.05
C ILE A 357 -9.69 -34.73 1.14
N TYR A 358 -8.86 -33.70 1.31
CA TYR A 358 -9.40 -32.37 1.56
C TYR A 358 -8.32 -31.36 1.18
N THR A 359 -8.67 -30.11 0.97
CA THR A 359 -7.61 -29.11 1.09
C THR A 359 -7.96 -28.16 2.19
N ILE A 360 -6.93 -27.72 2.91
CA ILE A 360 -7.17 -27.01 4.13
C ILE A 360 -7.75 -25.64 3.76
N ASP A 361 -8.76 -25.19 4.50
CA ASP A 361 -9.13 -23.76 4.52
C ASP A 361 -8.29 -22.99 5.57
N HIS A 362 -7.28 -22.25 5.10
CA HIS A 362 -6.35 -21.56 6.04
C HIS A 362 -6.96 -20.33 6.73
N THR A 363 -8.17 -19.96 6.33
CA THR A 363 -8.73 -18.67 6.71
C THR A 363 -9.68 -18.80 7.93
N LYS A 364 -10.31 -19.96 8.12
CA LYS A 364 -11.34 -20.06 9.18
C LYS A 364 -10.77 -20.57 10.51
N PRO A 365 -11.32 -20.10 11.66
CA PRO A 365 -11.05 -20.82 12.93
C PRO A 365 -11.59 -22.26 12.84
N THR A 366 -11.20 -23.15 13.76
CA THR A 366 -11.69 -24.52 13.70
C THR A 366 -13.07 -24.71 14.33
N LEU B 27 -31.78 28.82 -21.43
CA LEU B 27 -30.84 28.54 -20.30
C LEU B 27 -29.37 28.80 -20.68
N ASN B 28 -28.83 29.96 -20.32
CA ASN B 28 -27.45 30.36 -20.73
C ASN B 28 -27.15 30.16 -22.21
N PRO B 29 -27.98 30.75 -23.11
CA PRO B 29 -27.87 30.36 -24.52
C PRO B 29 -26.55 30.76 -25.19
N SER B 30 -25.90 31.79 -24.66
CA SER B 30 -24.58 32.19 -25.15
C SER B 30 -23.47 31.22 -24.71
N CYS B 31 -23.81 30.30 -23.82
CA CYS B 31 -22.86 29.33 -23.28
C CYS B 31 -21.65 30.00 -22.65
N LYS B 32 -21.83 31.20 -22.12
CA LYS B 32 -20.75 31.92 -21.47
C LYS B 32 -20.45 31.35 -20.09
N ILE B 33 -19.21 31.45 -19.65
CA ILE B 33 -18.84 30.98 -18.31
C ILE B 33 -19.51 31.87 -17.25
N MET B 34 -20.19 31.27 -16.28
CA MET B 34 -20.90 32.00 -15.25
C MET B 34 -20.09 32.04 -13.96
N THR B 35 -20.25 33.11 -13.18
CA THR B 35 -19.60 33.19 -11.87
C THR B 35 -20.72 33.25 -10.82
N PHE B 36 -20.62 32.43 -9.78
CA PHE B 36 -21.68 32.41 -8.75
C PHE B 36 -21.08 32.95 -7.47
N ARG B 37 -21.89 33.68 -6.70
CA ARG B 37 -21.46 34.26 -5.40
C ARG B 37 -22.45 33.90 -4.33
N PRO B 38 -22.46 32.64 -3.90
CA PRO B 38 -23.45 32.19 -2.89
C PRO B 38 -23.28 32.87 -1.54
N SER B 39 -24.42 33.09 -0.85
CA SER B 39 -24.42 33.41 0.56
C SER B 39 -23.98 32.17 1.32
N MET B 40 -23.54 32.34 2.56
CA MET B 40 -23.22 31.16 3.37
C MET B 40 -24.35 30.14 3.37
N GLU B 41 -25.59 30.61 3.48
CA GLU B 41 -26.69 29.63 3.60
C GLU B 41 -26.76 28.82 2.31
N GLU B 42 -26.55 29.48 1.18
CA GLU B 42 -26.61 28.79 -0.12
C GLU B 42 -25.38 27.87 -0.30
N PHE B 43 -24.25 28.31 0.25
CA PHE B 43 -22.96 27.64 0.08
C PHE B 43 -22.84 26.30 0.82
N ARG B 44 -23.53 26.19 1.94
CA ARG B 44 -23.24 25.13 2.89
C ARG B 44 -23.32 23.75 2.26
N GLU B 45 -24.32 23.52 1.40
CA GLU B 45 -24.48 22.21 0.79
C GLU B 45 -24.10 22.12 -0.70
N PHE B 46 -22.95 21.48 -0.94
CA PHE B 46 -22.33 21.56 -2.26
C PHE B 46 -23.24 20.88 -3.30
N ASN B 47 -23.80 19.73 -2.94
CA ASN B 47 -24.55 18.97 -3.95
C ASN B 47 -25.80 19.74 -4.40
N LYS B 48 -26.45 20.38 -3.44
CA LYS B 48 -27.63 21.18 -3.73
C LYS B 48 -27.27 22.46 -4.54
N TYR B 49 -26.18 23.12 -4.17
CA TYR B 49 -25.76 24.30 -4.92
C TYR B 49 -25.35 23.93 -6.34
N LEU B 50 -24.71 22.77 -6.51
CA LEU B 50 -24.39 22.36 -7.88
C LEU B 50 -25.65 22.14 -8.73
N ALA B 51 -26.71 21.58 -8.13
CA ALA B 51 -27.97 21.44 -8.88
C ALA B 51 -28.51 22.83 -9.29
N TYR B 52 -28.51 23.77 -8.34
CA TYR B 52 -28.80 25.18 -8.64
C TYR B 52 -28.00 25.72 -9.85
N MET B 53 -26.69 25.55 -9.80
CA MET B 53 -25.84 26.00 -10.93
C MET B 53 -26.31 25.48 -12.28
N GLU B 54 -26.61 24.19 -12.35
CA GLU B 54 -27.07 23.63 -13.61
C GLU B 54 -28.45 24.09 -14.01
N SER B 55 -29.28 24.39 -13.00
CA SER B 55 -30.61 24.90 -13.30
C SER B 55 -30.55 26.30 -13.93
N LYS B 56 -29.42 27.00 -13.78
CA LYS B 56 -29.22 28.28 -14.45
C LYS B 56 -28.43 28.12 -15.75
N GLY B 57 -28.12 26.88 -16.14
CA GLY B 57 -27.36 26.61 -17.36
C GLY B 57 -25.84 26.80 -17.28
N ALA B 58 -25.27 26.74 -16.07
CA ALA B 58 -23.82 26.91 -15.90
C ALA B 58 -23.05 25.89 -16.77
N HIS B 59 -23.57 24.68 -16.86
CA HIS B 59 -22.82 23.61 -17.52
C HIS B 59 -22.70 23.77 -19.03
N ARG B 60 -23.52 24.66 -19.60
CA ARG B 60 -23.43 24.91 -21.04
C ARG B 60 -22.08 25.46 -21.47
N ALA B 61 -21.41 26.14 -20.54
CA ALA B 61 -20.11 26.71 -20.83
C ALA B 61 -18.98 25.70 -20.69
N GLY B 62 -19.22 24.63 -19.95
CA GLY B 62 -18.17 23.59 -19.70
C GLY B 62 -17.37 23.87 -18.43
N LEU B 63 -17.56 25.08 -17.88
CA LEU B 63 -16.72 25.60 -16.78
C LEU B 63 -17.54 26.67 -16.03
N ALA B 64 -17.40 26.72 -14.71
CA ALA B 64 -17.99 27.80 -13.93
C ALA B 64 -17.09 28.17 -12.76
N LYS B 65 -17.20 29.41 -12.28
CA LYS B 65 -16.49 29.83 -11.12
C LYS B 65 -17.48 29.98 -9.95
N VAL B 66 -17.07 29.58 -8.74
CA VAL B 66 -17.88 29.81 -7.56
C VAL B 66 -17.00 30.51 -6.53
N ILE B 67 -17.40 31.73 -6.16
CA ILE B 67 -16.66 32.52 -5.18
C ILE B 67 -17.35 32.27 -3.83
N PRO B 68 -16.65 31.66 -2.87
CA PRO B 68 -17.34 31.31 -1.63
C PRO B 68 -17.53 32.57 -0.79
N PRO B 69 -18.45 32.55 0.18
CA PRO B 69 -18.63 33.77 0.97
C PRO B 69 -17.37 34.12 1.74
N LYS B 70 -17.18 35.42 1.98
CA LYS B 70 -15.94 35.92 2.52
C LYS B 70 -15.46 35.18 3.74
N GLU B 71 -16.38 34.89 4.65
CA GLU B 71 -16.00 34.36 5.96
C GLU B 71 -15.61 32.88 5.96
N TRP B 72 -15.86 32.16 4.87
CA TRP B 72 -15.53 30.75 4.87
C TRP B 72 -14.03 30.60 4.59
N LYS B 73 -13.37 29.74 5.36
CA LYS B 73 -11.94 29.52 5.25
C LYS B 73 -11.58 28.04 5.48
N PRO B 74 -11.08 27.36 4.44
CA PRO B 74 -10.86 25.92 4.55
C PRO B 74 -9.56 25.60 5.29
N ARG B 75 -8.73 26.62 5.45
CA ARG B 75 -7.44 26.46 6.09
C ARG B 75 -7.08 27.75 6.82
N GLN B 76 -6.77 27.66 8.11
CA GLN B 76 -6.54 28.86 8.89
C GLN B 76 -5.21 29.48 8.55
N CYS B 77 -4.20 28.64 8.38
CA CYS B 77 -2.85 29.12 8.11
C CYS B 77 -2.15 28.13 7.15
N TYR B 78 -1.49 28.65 6.12
CA TYR B 78 -0.82 27.82 5.12
C TYR B 78 0.68 27.66 5.38
N ASP B 79 1.17 28.23 6.47
CA ASP B 79 2.63 28.25 6.69
C ASP B 79 3.28 26.88 6.61
N ASP B 80 2.63 25.88 7.20
CA ASP B 80 3.26 24.57 7.22
C ASP B 80 3.40 23.90 5.85
N ILE B 81 2.66 24.37 4.85
CA ILE B 81 2.76 23.79 3.54
C ILE B 81 4.12 24.01 2.87
N ASP B 82 4.88 24.97 3.38
CA ASP B 82 6.27 25.15 2.93
C ASP B 82 7.13 23.89 3.08
N ASN B 83 6.79 23.06 4.06
CA ASN B 83 7.59 21.89 4.37
C ASN B 83 7.13 20.65 3.63
N LEU B 84 6.06 20.78 2.87
CA LEU B 84 5.56 19.65 2.08
C LEU B 84 6.59 19.27 1.02
N LEU B 85 6.72 17.98 0.77
CA LEU B 85 7.67 17.49 -0.23
C LEU B 85 6.99 17.28 -1.60
N ILE B 86 7.58 17.81 -2.66
CA ILE B 86 7.14 17.51 -4.01
C ILE B 86 8.09 16.47 -4.56
N PRO B 87 7.68 15.19 -4.48
CA PRO B 87 8.55 14.06 -4.78
C PRO B 87 9.10 14.08 -6.20
N ALA B 88 8.29 14.44 -7.20
CA ALA B 88 8.73 14.35 -8.60
C ALA B 88 8.32 15.59 -9.44
N PRO B 89 8.96 16.75 -9.17
CA PRO B 89 8.67 17.94 -9.97
C PRO B 89 8.89 17.69 -11.46
N ILE B 90 8.13 18.35 -12.30
CA ILE B 90 8.20 18.09 -13.73
C ILE B 90 8.61 19.36 -14.46
N GLN B 91 9.64 19.26 -15.27
CA GLN B 91 9.97 20.34 -16.20
C GLN B 91 9.23 20.14 -17.53
N GLN B 92 8.44 21.14 -17.90
CA GLN B 92 7.56 21.07 -19.05
C GLN B 92 8.27 21.60 -20.29
N MET B 93 8.43 20.72 -21.29
CA MET B 93 9.15 21.05 -22.54
C MET B 93 8.15 21.26 -23.68
N VAL B 94 8.02 22.47 -24.19
CA VAL B 94 7.02 22.72 -25.21
C VAL B 94 7.70 22.93 -26.59
N THR B 95 7.18 22.28 -27.63
CA THR B 95 7.73 22.43 -28.98
C THR B 95 6.59 22.86 -29.93
N GLY B 96 6.88 23.77 -30.85
CA GLY B 96 5.98 24.07 -31.97
C GLY B 96 6.00 25.57 -32.16
N GLN B 97 4.96 26.16 -32.77
CA GLN B 97 4.98 27.63 -32.94
C GLN B 97 3.66 28.15 -33.48
N SER B 98 3.43 29.45 -33.28
CA SER B 98 2.20 30.15 -33.66
C SER B 98 0.94 29.42 -33.22
N GLY B 99 0.87 29.16 -31.92
CA GLY B 99 -0.39 28.76 -31.36
C GLY B 99 -0.66 27.25 -31.43
N LEU B 100 0.22 26.48 -32.06
CA LEU B 100 0.10 25.03 -32.04
C LEU B 100 1.33 24.39 -31.43
N PHE B 101 1.17 23.64 -30.35
CA PHE B 101 2.34 23.06 -29.69
C PHE B 101 2.06 21.68 -29.13
N THR B 102 3.14 20.93 -28.90
CA THR B 102 3.04 19.66 -28.17
C THR B 102 4.07 19.75 -27.05
N GLN B 103 3.81 19.14 -25.91
CA GLN B 103 4.75 19.26 -24.80
C GLN B 103 5.16 17.88 -24.32
N TYR B 104 6.33 17.75 -23.69
CA TYR B 104 6.62 16.50 -22.96
C TYR B 104 7.27 16.87 -21.62
N ASN B 105 7.39 15.87 -20.75
CA ASN B 105 7.79 16.07 -19.39
C ASN B 105 9.20 15.57 -19.07
N ILE B 106 9.95 16.34 -18.33
CA ILE B 106 11.22 15.80 -17.84
C ILE B 106 11.16 15.80 -16.32
N GLN B 107 11.47 14.65 -15.71
CA GLN B 107 11.35 14.58 -14.28
C GLN B 107 12.55 15.19 -13.56
N LYS B 108 12.32 15.95 -12.47
CA LYS B 108 13.46 16.57 -11.75
C LYS B 108 13.52 15.98 -10.37
N LYS B 109 14.59 16.26 -9.63
CA LYS B 109 14.73 15.70 -8.27
C LYS B 109 13.70 16.33 -7.35
N ALA B 110 13.35 15.62 -6.28
CA ALA B 110 12.37 16.10 -5.30
C ALA B 110 12.79 17.42 -4.67
N MET B 111 11.83 18.25 -4.28
CA MET B 111 12.15 19.46 -3.52
C MET B 111 10.94 19.86 -2.67
N THR B 112 11.16 20.70 -1.66
CA THR B 112 10.07 21.15 -0.80
C THR B 112 9.30 22.25 -1.52
N VAL B 113 8.07 22.48 -1.09
CA VAL B 113 7.32 23.63 -1.52
C VAL B 113 8.11 24.92 -1.37
N LYS B 114 8.82 25.04 -0.25
CA LYS B 114 9.57 26.26 0.00
C LYS B 114 10.68 26.41 -1.05
N GLU B 115 11.35 25.32 -1.38
CA GLU B 115 12.38 25.42 -2.40
C GLU B 115 11.74 25.75 -3.73
N PHE B 116 10.52 25.23 -3.94
CA PHE B 116 9.88 25.38 -5.24
C PHE B 116 9.37 26.81 -5.39
N ARG B 117 8.85 27.37 -4.30
CA ARG B 117 8.51 28.78 -4.26
C ARG B 117 9.70 29.71 -4.60
N GLN B 118 10.85 29.47 -4.00
CA GLN B 118 12.04 30.29 -4.28
C GLN B 118 12.54 30.19 -5.73
N LEU B 119 12.41 29.00 -6.29
CA LEU B 119 12.76 28.79 -7.69
C LEU B 119 11.79 29.60 -8.56
N ALA B 120 10.51 29.48 -8.27
CA ALA B 120 9.46 30.15 -9.04
C ALA B 120 9.67 31.66 -8.99
N ASN B 121 10.11 32.17 -7.84
CA ASN B 121 10.25 33.60 -7.68
C ASN B 121 11.59 34.15 -8.19
N SER B 122 12.53 33.28 -8.56
CA SER B 122 13.78 33.77 -9.10
C SER B 122 13.60 34.43 -10.47
N GLY B 123 14.57 35.28 -10.87
CA GLY B 123 14.49 35.97 -12.15
C GLY B 123 14.31 35.08 -13.38
N LYS B 124 14.90 33.88 -13.34
CA LYS B 124 14.73 32.93 -14.44
C LYS B 124 13.26 32.50 -14.67
N TYR B 125 12.52 32.35 -13.59
CA TYR B 125 11.18 31.75 -13.66
C TYR B 125 10.04 32.70 -13.35
N CYS B 126 10.32 33.86 -12.75
CA CYS B 126 9.22 34.65 -12.16
C CYS B 126 8.29 35.19 -13.25
N THR B 127 7.08 35.55 -12.85
CA THR B 127 6.14 36.26 -13.71
C THR B 127 6.78 37.51 -14.30
N PRO B 128 6.56 37.76 -15.60
CA PRO B 128 7.05 39.04 -16.17
C PRO B 128 6.22 40.24 -15.67
N ARG B 129 6.72 41.46 -15.87
CA ARG B 129 5.87 42.64 -15.66
C ARG B 129 4.76 42.63 -16.66
N TYR B 130 3.57 43.09 -16.28
CA TYR B 130 2.45 43.15 -17.22
C TYR B 130 1.45 44.23 -16.80
N LEU B 131 0.65 44.70 -17.74
CA LEU B 131 -0.31 45.77 -17.51
C LEU B 131 -1.58 45.17 -16.91
N ASP B 132 -2.16 44.19 -17.59
CA ASP B 132 -3.39 43.51 -17.18
C ASP B 132 -3.37 42.08 -17.68
N TYR B 133 -4.38 41.29 -17.31
CA TYR B 133 -4.40 39.87 -17.67
C TYR B 133 -4.30 39.61 -19.17
N GLU B 134 -4.89 40.47 -19.99
CA GLU B 134 -4.81 40.27 -21.44
C GLU B 134 -3.37 40.44 -21.92
N ASP B 135 -2.63 41.33 -21.27
CA ASP B 135 -1.21 41.56 -21.58
C ASP B 135 -0.41 40.32 -21.17
N LEU B 136 -0.69 39.84 -19.96
CA LEU B 136 0.00 38.66 -19.44
C LEU B 136 -0.25 37.44 -20.32
N GLU B 137 -1.49 37.27 -20.75
CA GLU B 137 -1.80 36.20 -21.69
C GLU B 137 -0.99 36.24 -22.99
N ARG B 138 -0.92 37.41 -23.62
CA ARG B 138 -0.08 37.61 -24.82
C ARG B 138 1.35 37.19 -24.55
N LYS B 139 1.87 37.56 -23.40
CA LYS B 139 3.24 37.23 -23.01
C LYS B 139 3.42 35.73 -22.82
N TYR B 140 2.42 35.10 -22.22
CA TYR B 140 2.41 33.62 -22.12
C TYR B 140 2.62 32.96 -23.49
N TRP B 141 1.76 33.27 -24.44
CA TRP B 141 1.82 32.64 -25.76
C TRP B 141 3.07 33.03 -26.58
N LYS B 142 3.68 34.17 -26.26
CA LYS B 142 4.88 34.65 -26.98
C LYS B 142 6.16 34.03 -26.41
N ASN B 143 6.11 33.58 -25.16
CA ASN B 143 7.31 33.11 -24.45
C ASN B 143 7.38 31.59 -24.15
N LEU B 144 6.39 30.86 -24.62
CA LEU B 144 6.24 29.43 -24.30
C LEU B 144 7.49 28.58 -24.61
N THR B 145 8.15 28.87 -25.73
CA THR B 145 9.28 28.02 -26.11
C THR B 145 10.65 28.55 -25.71
N PHE B 146 10.71 29.47 -24.74
CA PHE B 146 11.99 29.87 -24.13
C PHE B 146 12.21 29.06 -22.86
N VAL B 147 12.39 29.70 -21.71
CA VAL B 147 12.73 28.97 -20.49
C VAL B 147 11.59 27.95 -20.19
N ALA B 148 12.00 26.70 -19.90
CA ALA B 148 11.05 25.62 -19.58
C ALA B 148 10.65 25.68 -18.11
N PRO B 149 9.36 25.92 -17.81
CA PRO B 149 8.99 26.03 -16.39
C PRO B 149 8.74 24.66 -15.72
N ILE B 150 8.60 24.67 -14.40
CA ILE B 150 8.57 23.44 -13.59
C ILE B 150 7.34 23.45 -12.68
N TYR B 151 6.72 22.29 -12.51
CA TYR B 151 5.51 22.24 -11.69
C TYR B 151 5.46 20.94 -10.91
N GLY B 152 4.70 20.94 -9.82
CA GLY B 152 4.39 19.70 -9.11
C GLY B 152 2.93 19.34 -9.31
N ALA B 153 2.63 18.08 -9.59
CA ALA B 153 1.29 17.75 -10.01
C ALA B 153 0.90 16.39 -9.51
N ASP B 154 -0.40 16.20 -9.28
CA ASP B 154 -0.92 14.90 -8.88
C ASP B 154 -0.25 14.37 -7.61
N ILE B 155 -0.02 15.27 -6.66
CA ILE B 155 0.40 14.92 -5.31
C ILE B 155 -0.86 14.53 -4.52
N ASN B 156 -0.96 13.27 -4.08
CA ASN B 156 -2.11 12.84 -3.25
C ASN B 156 -2.19 13.63 -1.96
N GLY B 157 -3.39 14.08 -1.60
CA GLY B 157 -3.61 14.68 -0.28
C GLY B 157 -4.43 15.95 -0.41
N SER B 158 -5.10 16.31 0.67
CA SER B 158 -5.87 17.54 0.76
C SER B 158 -5.23 18.39 1.85
N ILE B 159 -5.27 19.72 1.73
CA ILE B 159 -4.73 20.52 2.77
C ILE B 159 -5.81 21.33 3.46
N TYR B 160 -7.07 20.93 3.32
CA TYR B 160 -8.10 21.54 4.20
C TYR B 160 -7.74 21.29 5.68
N ASP B 161 -8.17 22.18 6.57
CA ASP B 161 -8.16 21.83 8.00
C ASP B 161 -9.08 20.67 8.31
N GLU B 162 -8.74 19.97 9.38
CA GLU B 162 -9.65 19.11 10.12
C GLU B 162 -11.10 19.63 10.23
N GLY B 163 -12.05 18.90 9.66
CA GLY B 163 -13.45 19.07 10.01
C GLY B 163 -14.12 20.28 9.39
N VAL B 164 -13.53 20.79 8.30
CA VAL B 164 -14.21 21.76 7.45
C VAL B 164 -15.22 20.98 6.66
N ASP B 165 -16.49 21.26 6.87
CA ASP B 165 -17.50 20.37 6.34
C ASP B 165 -18.12 20.84 5.03
N GLU B 166 -17.96 22.10 4.66
CA GLU B 166 -18.53 22.59 3.40
C GLU B 166 -17.52 22.40 2.25
N TRP B 167 -18.00 21.93 1.10
CA TRP B 167 -17.17 21.91 -0.12
C TRP B 167 -15.82 21.27 0.16
N ASN B 168 -15.84 20.14 0.85
CA ASN B 168 -14.59 19.52 1.25
C ASN B 168 -14.20 18.51 0.19
N ILE B 169 -13.16 18.85 -0.57
CA ILE B 169 -12.86 18.21 -1.84
C ILE B 169 -12.56 16.72 -1.60
N ALA B 170 -12.10 16.42 -0.40
CA ALA B 170 -11.82 15.04 0.00
C ALA B 170 -13.09 14.22 0.31
N ARG B 171 -14.24 14.85 0.52
CA ARG B 171 -15.47 14.06 0.76
C ARG B 171 -16.72 14.81 0.29
N LEU B 172 -16.88 14.87 -1.02
CA LEU B 172 -18.00 15.55 -1.62
C LEU B 172 -19.31 14.78 -1.52
N ASN B 173 -19.23 13.47 -1.35
CA ASN B 173 -20.44 12.66 -1.34
C ASN B 173 -21.27 12.78 -2.59
N THR B 174 -20.69 12.40 -3.72
CA THR B 174 -21.49 12.31 -4.95
C THR B 174 -21.79 10.87 -5.29
N VAL B 175 -22.50 10.65 -6.39
CA VAL B 175 -22.81 9.31 -6.80
C VAL B 175 -21.54 8.40 -6.85
N LEU B 176 -20.38 8.95 -7.22
CA LEU B 176 -19.17 8.11 -7.30
C LEU B 176 -18.94 7.49 -5.92
N ASP B 177 -19.13 8.28 -4.86
CA ASP B 177 -18.89 7.81 -3.49
C ASP B 177 -19.89 6.74 -3.09
N VAL B 178 -21.12 6.93 -3.52
CA VAL B 178 -22.20 6.02 -3.14
C VAL B 178 -21.88 4.65 -3.75
N VAL B 179 -21.53 4.68 -5.02
CA VAL B 179 -21.20 3.43 -5.68
C VAL B 179 -20.00 2.67 -5.07
N GLU B 180 -19.00 3.44 -4.65
CA GLU B 180 -17.81 2.89 -3.96
C GLU B 180 -18.13 2.35 -2.57
N GLU B 181 -18.83 3.14 -1.77
CA GLU B 181 -19.12 2.78 -0.40
C GLU B 181 -20.19 1.70 -0.31
N GLU B 182 -21.29 1.89 -1.03
CA GLU B 182 -22.46 1.01 -0.87
C GLU B 182 -22.34 -0.22 -1.76
N CYS B 183 -21.66 -0.09 -2.89
CA CYS B 183 -21.72 -1.16 -3.89
C CYS B 183 -20.38 -1.85 -4.05
N GLY B 184 -19.34 -1.32 -3.40
CA GLY B 184 -17.99 -1.93 -3.43
C GLY B 184 -17.29 -1.93 -4.79
N ILE B 185 -17.60 -0.94 -5.62
CA ILE B 185 -17.11 -0.90 -6.99
C ILE B 185 -15.93 0.07 -7.04
N SER B 186 -14.89 -0.26 -7.82
CA SER B 186 -13.69 0.57 -7.82
C SER B 186 -13.88 1.83 -8.64
N ILE B 187 -13.51 2.98 -8.06
CA ILE B 187 -13.53 4.19 -8.85
C ILE B 187 -12.11 4.72 -9.18
N GLU B 188 -11.09 3.88 -8.97
CA GLU B 188 -9.81 4.05 -9.66
C GLU B 188 -9.07 5.25 -9.08
N GLY B 189 -9.42 5.66 -7.87
CA GLY B 189 -8.73 6.77 -7.21
C GLY B 189 -9.07 8.14 -7.77
N VAL B 190 -10.08 8.25 -8.64
CA VAL B 190 -10.35 9.54 -9.28
C VAL B 190 -11.07 10.50 -8.36
N ASN B 191 -11.70 9.98 -7.32
CA ASN B 191 -12.39 10.85 -6.38
C ASN B 191 -11.52 11.15 -5.16
N THR B 192 -10.21 11.06 -5.29
CA THR B 192 -9.43 11.45 -4.14
C THR B 192 -8.67 12.74 -4.51
N PRO B 193 -8.32 13.56 -3.50
CA PRO B 193 -7.79 14.93 -3.69
C PRO B 193 -6.33 14.92 -4.09
N TYR B 194 -5.99 15.78 -5.04
CA TYR B 194 -4.60 15.95 -5.54
C TYR B 194 -4.23 17.44 -5.49
N LEU B 195 -2.96 17.73 -5.25
CA LEU B 195 -2.45 19.09 -5.22
C LEU B 195 -1.65 19.39 -6.47
N TYR B 196 -1.76 20.64 -6.96
CA TYR B 196 -0.91 21.13 -8.05
C TYR B 196 -0.14 22.35 -7.54
N PHE B 197 1.14 22.39 -7.78
CA PHE B 197 1.92 23.59 -7.49
C PHE B 197 2.40 24.17 -8.82
N GLY B 198 1.95 25.37 -9.15
CA GLY B 198 2.29 25.99 -10.43
C GLY B 198 3.38 27.05 -10.30
N MET B 199 4.03 27.40 -11.40
CA MET B 199 4.77 28.69 -11.45
C MET B 199 4.39 29.36 -12.76
N TRP B 200 4.96 30.52 -13.02
CA TRP B 200 4.59 31.26 -14.23
C TRP B 200 4.81 30.37 -15.44
N LYS B 201 3.81 30.33 -16.31
CA LYS B 201 3.94 29.72 -17.62
C LYS B 201 3.71 28.21 -17.62
N THR B 202 3.55 27.60 -16.46
CA THR B 202 3.22 26.17 -16.43
C THR B 202 1.78 25.98 -16.89
N THR B 203 1.57 24.94 -17.68
CA THR B 203 0.44 24.86 -18.61
C THR B 203 -0.38 23.59 -18.34
N PHE B 204 -1.71 23.70 -18.37
CA PHE B 204 -2.52 22.45 -18.51
C PHE B 204 -3.12 22.43 -19.90
N ALA B 205 -2.73 21.42 -20.67
CA ALA B 205 -3.11 21.30 -22.08
C ALA B 205 -4.58 20.87 -22.23
N TRP B 206 -5.07 20.93 -23.46
CA TRP B 206 -6.49 20.76 -23.73
C TRP B 206 -6.91 19.32 -23.33
N HIS B 207 -7.98 19.19 -22.53
CA HIS B 207 -8.43 17.89 -22.05
C HIS B 207 -9.89 17.95 -21.54
N THR B 208 -10.58 16.81 -21.58
CA THR B 208 -11.70 16.62 -20.66
C THR B 208 -11.20 15.72 -19.54
N GLU B 209 -12.03 15.51 -18.52
CA GLU B 209 -11.59 14.70 -17.41
C GLU B 209 -11.62 13.22 -17.79
N ASP B 210 -10.90 12.39 -17.03
CA ASP B 210 -11.09 10.94 -17.15
C ASP B 210 -12.57 10.60 -17.17
N MET B 211 -12.95 9.70 -18.08
CA MET B 211 -14.32 9.23 -18.17
C MET B 211 -15.32 10.36 -18.37
N ASP B 212 -14.84 11.49 -18.90
CA ASP B 212 -15.61 12.74 -19.01
C ASP B 212 -16.40 13.13 -17.75
N LEU B 213 -15.80 12.88 -16.59
CA LEU B 213 -16.31 13.34 -15.28
C LEU B 213 -16.36 14.87 -15.11
N TYR B 214 -16.97 15.31 -14.02
CA TYR B 214 -16.80 16.72 -13.56
C TYR B 214 -15.44 16.83 -12.90
N SER B 215 -14.97 18.05 -12.65
CA SER B 215 -13.89 18.24 -11.71
C SER B 215 -14.13 19.50 -10.93
N ILE B 216 -13.51 19.60 -9.77
CA ILE B 216 -13.56 20.80 -8.96
C ILE B 216 -12.13 21.17 -8.57
N ASN B 217 -11.83 22.47 -8.63
CA ASN B 217 -10.48 22.93 -8.37
C ASN B 217 -10.57 24.12 -7.44
N TYR B 218 -9.91 24.05 -6.30
CA TYR B 218 -9.81 25.22 -5.40
C TYR B 218 -8.38 25.77 -5.40
N LEU B 219 -8.24 27.07 -5.62
CA LEU B 219 -6.92 27.71 -5.63
C LEU B 219 -6.65 28.21 -4.22
N HIS B 220 -5.94 27.39 -3.46
CA HIS B 220 -5.64 27.68 -2.06
C HIS B 220 -4.92 29.01 -1.84
N PHE B 221 -3.76 29.18 -2.51
CA PHE B 221 -3.01 30.41 -2.35
C PHE B 221 -2.12 30.69 -3.57
N GLY B 222 -1.60 31.92 -3.65
CA GLY B 222 -0.67 32.26 -4.71
C GLY B 222 -1.36 32.97 -5.86
N GLU B 223 -0.65 33.03 -6.97
CA GLU B 223 -1.04 33.83 -8.07
C GLU B 223 -2.13 33.12 -8.87
N PRO B 224 -2.76 33.85 -9.77
CA PRO B 224 -3.97 33.35 -10.41
C PRO B 224 -3.73 32.18 -11.40
N LYS B 225 -4.82 31.56 -11.83
CA LYS B 225 -4.76 30.52 -12.87
C LYS B 225 -5.71 30.96 -14.01
N SER B 226 -5.22 31.12 -15.25
CA SER B 226 -6.13 31.46 -16.34
C SER B 226 -6.67 30.20 -17.03
N TRP B 227 -7.92 30.25 -17.47
CA TRP B 227 -8.61 29.07 -18.01
C TRP B 227 -9.16 29.42 -19.40
N TYR B 228 -9.15 28.46 -20.32
CA TYR B 228 -9.99 28.53 -21.53
C TYR B 228 -10.98 27.36 -21.44
N ALA B 229 -12.17 27.48 -22.02
CA ALA B 229 -13.13 26.40 -21.96
C ALA B 229 -13.91 26.40 -23.24
N ILE B 230 -14.20 25.19 -23.73
CA ILE B 230 -15.08 25.00 -24.88
C ILE B 230 -16.42 24.40 -24.43
N PRO B 231 -17.53 24.99 -24.86
CA PRO B 231 -18.84 24.42 -24.46
C PRO B 231 -18.90 22.93 -24.79
N PRO B 232 -19.46 22.09 -23.89
CA PRO B 232 -19.58 20.68 -24.27
C PRO B 232 -20.32 20.48 -25.60
N GLU B 233 -21.29 21.33 -25.93
CA GLU B 233 -21.95 21.15 -27.21
C GLU B 233 -21.06 21.46 -28.41
N HIS B 234 -19.87 22.02 -28.19
CA HIS B 234 -18.92 22.22 -29.29
C HIS B 234 -17.67 21.38 -29.16
N GLY B 235 -17.65 20.47 -28.21
CA GLY B 235 -16.46 19.64 -28.00
C GLY B 235 -15.94 18.95 -29.25
N LYS B 236 -16.84 18.30 -30.00
CA LYS B 236 -16.43 17.58 -31.23
C LYS B 236 -15.68 18.44 -32.23
N ARG B 237 -16.03 19.71 -32.30
CA ARG B 237 -15.35 20.63 -33.20
C ARG B 237 -13.91 20.91 -32.82
N LEU B 238 -13.64 20.97 -31.51
CA LEU B 238 -12.25 21.00 -31.04
C LEU B 238 -11.49 19.72 -31.37
N GLU B 239 -12.13 18.57 -31.19
CA GLU B 239 -11.49 17.32 -31.59
C GLU B 239 -11.20 17.28 -33.07
N ARG B 240 -12.14 17.72 -33.90
CA ARG B 240 -11.84 17.68 -35.34
C ARG B 240 -10.70 18.62 -35.75
N LEU B 241 -10.62 19.78 -35.12
CA LEU B 241 -9.56 20.71 -35.41
C LEU B 241 -8.22 20.13 -34.92
N ALA B 242 -8.19 19.57 -33.71
CA ALA B 242 -6.94 18.93 -33.25
C ALA B 242 -6.46 17.78 -34.16
N GLN B 243 -7.38 16.92 -34.59
CA GLN B 243 -7.04 15.81 -35.50
C GLN B 243 -6.41 16.33 -36.78
N GLY B 244 -6.92 17.47 -37.26
CA GLY B 244 -6.39 18.13 -38.46
C GLY B 244 -4.98 18.67 -38.26
N PHE B 245 -4.70 19.21 -37.08
CA PHE B 245 -3.39 19.78 -36.80
C PHE B 245 -2.36 18.79 -36.31
N PHE B 246 -2.82 17.66 -35.78
CA PHE B 246 -1.93 16.66 -35.22
C PHE B 246 -2.25 15.29 -35.73
N PRO B 247 -2.23 15.11 -37.07
CA PRO B 247 -2.73 13.87 -37.62
C PRO B 247 -1.82 12.68 -37.26
N SER B 248 -0.57 13.01 -36.94
CA SER B 248 0.32 12.05 -36.30
C SER B 248 -0.24 11.52 -34.99
N SER B 249 -0.27 12.36 -33.95
CA SER B 249 -0.88 11.98 -32.66
C SER B 249 -2.21 11.24 -32.85
N SER B 250 -3.01 11.73 -33.78
CA SER B 250 -4.35 11.20 -34.00
C SER B 250 -4.29 9.75 -34.47
N GLN B 251 -3.30 9.46 -35.31
CA GLN B 251 -3.19 8.10 -35.87
C GLN B 251 -2.94 7.12 -34.74
N GLY B 252 -2.10 7.53 -33.79
CA GLY B 252 -1.61 6.62 -32.77
C GLY B 252 -2.67 6.37 -31.70
N CYS B 253 -3.60 7.31 -31.53
CA CYS B 253 -4.59 7.19 -30.46
C CYS B 253 -5.84 8.02 -30.79
N ASP B 254 -6.98 7.36 -30.95
CA ASP B 254 -8.28 8.05 -31.15
C ASP B 254 -8.61 9.08 -30.09
N ALA B 255 -8.11 8.91 -28.87
CA ALA B 255 -8.38 9.87 -27.81
C ALA B 255 -7.12 10.59 -27.37
N PHE B 256 -6.32 11.06 -28.33
CA PHE B 256 -4.98 11.53 -27.99
C PHE B 256 -5.00 12.81 -27.15
N LEU B 257 -6.11 13.53 -27.14
CA LEU B 257 -6.14 14.71 -26.27
C LEU B 257 -6.10 14.34 -24.80
N ARG B 258 -6.49 13.10 -24.48
CA ARG B 258 -6.28 12.60 -23.13
C ARG B 258 -4.84 12.44 -22.68
N HIS B 259 -3.87 12.43 -23.58
CA HIS B 259 -2.48 12.50 -23.09
C HIS B 259 -2.12 13.88 -22.49
N LYS B 260 -3.00 14.87 -22.63
CA LYS B 260 -2.73 16.19 -22.06
C LYS B 260 -1.39 16.76 -22.51
N MET B 261 -1.05 16.56 -23.78
CA MET B 261 0.18 17.12 -24.31
C MET B 261 -0.03 18.12 -25.44
N THR B 262 -1.29 18.46 -25.75
CA THR B 262 -1.59 19.28 -26.93
C THR B 262 -2.05 20.70 -26.56
N LEU B 263 -1.29 21.73 -27.00
CA LEU B 263 -1.64 23.14 -26.80
C LEU B 263 -2.17 23.79 -28.07
N ILE B 264 -3.22 24.60 -27.91
CA ILE B 264 -3.87 25.27 -29.05
C ILE B 264 -4.33 26.62 -28.56
N SER B 265 -3.85 27.69 -29.19
CA SER B 265 -4.06 29.00 -28.60
C SER B 265 -5.43 29.59 -28.95
N PRO B 266 -5.89 30.58 -28.18
CA PRO B 266 -7.16 31.20 -28.53
C PRO B 266 -7.09 31.89 -29.91
N SER B 267 -5.90 32.30 -30.33
CA SER B 267 -5.72 32.84 -31.68
C SER B 267 -6.18 31.86 -32.73
N VAL B 268 -5.68 30.63 -32.65
CA VAL B 268 -6.13 29.62 -33.60
C VAL B 268 -7.58 29.14 -33.50
N LEU B 269 -8.11 29.05 -32.28
CA LEU B 269 -9.53 28.82 -32.13
C LEU B 269 -10.36 29.90 -32.83
N LYS B 270 -10.02 31.16 -32.61
CA LYS B 270 -10.75 32.26 -33.25
C LYS B 270 -10.68 32.15 -34.75
N LYS B 271 -9.48 31.93 -35.28
CA LYS B 271 -9.31 31.76 -36.73
C LYS B 271 -10.24 30.68 -37.31
N TYR B 272 -10.35 29.53 -36.66
CA TYR B 272 -11.15 28.44 -37.19
C TYR B 272 -12.59 28.39 -36.64
N GLY B 273 -12.97 29.39 -35.88
CA GLY B 273 -14.37 29.60 -35.53
C GLY B 273 -14.84 28.63 -34.47
N ILE B 274 -13.93 28.13 -33.65
CA ILE B 274 -14.35 27.26 -32.56
C ILE B 274 -14.79 28.13 -31.38
N PRO B 275 -16.01 27.91 -30.88
CA PRO B 275 -16.47 28.77 -29.77
C PRO B 275 -15.70 28.42 -28.49
N PHE B 276 -15.38 29.44 -27.71
CA PHE B 276 -14.72 29.22 -26.43
C PHE B 276 -14.91 30.44 -25.56
N ASP B 277 -14.50 30.37 -24.30
CA ASP B 277 -14.54 31.53 -23.43
C ASP B 277 -13.33 31.41 -22.53
N LYS B 278 -12.96 32.50 -21.88
CA LYS B 278 -11.82 32.53 -20.96
C LYS B 278 -12.14 33.21 -19.66
N ILE B 279 -11.46 32.80 -18.61
CA ILE B 279 -11.72 33.36 -17.29
C ILE B 279 -10.47 33.18 -16.49
N THR B 280 -10.26 34.05 -15.49
CA THR B 280 -9.14 33.87 -14.59
C THR B 280 -9.67 33.59 -13.20
N GLN B 281 -9.10 32.55 -12.58
CA GLN B 281 -9.42 32.13 -11.23
C GLN B 281 -8.40 32.76 -10.26
N GLU B 282 -8.89 33.44 -9.23
CA GLU B 282 -7.98 34.05 -8.23
C GLU B 282 -7.86 33.14 -7.03
N ALA B 283 -6.91 33.39 -6.14
CA ALA B 283 -6.84 32.62 -4.89
C ALA B 283 -8.13 32.73 -4.05
N GLY B 284 -8.52 31.62 -3.43
CA GLY B 284 -9.79 31.53 -2.75
C GLY B 284 -11.00 31.14 -3.57
N GLU B 285 -10.85 30.88 -4.85
CA GLU B 285 -12.01 30.62 -5.71
C GLU B 285 -12.05 29.20 -6.25
N PHE B 286 -13.23 28.64 -6.38
CA PHE B 286 -13.43 27.32 -6.99
C PHE B 286 -13.70 27.51 -8.47
N MET B 287 -13.29 26.52 -9.25
CA MET B 287 -13.77 26.34 -10.61
C MET B 287 -14.35 24.93 -10.70
N ILE B 288 -15.48 24.77 -11.36
CA ILE B 288 -16.03 23.48 -11.64
C ILE B 288 -16.00 23.23 -13.14
N THR B 289 -15.48 22.09 -13.57
CA THR B 289 -15.59 21.73 -14.98
C THR B 289 -16.68 20.67 -15.11
N PHE B 290 -17.39 20.70 -16.23
CA PHE B 290 -18.59 19.89 -16.40
C PHE B 290 -18.26 18.78 -17.41
N PRO B 291 -19.00 17.66 -17.37
CA PRO B 291 -18.72 16.52 -18.27
C PRO B 291 -18.52 16.98 -19.71
N TYR B 292 -17.43 16.54 -20.35
CA TYR B 292 -17.12 16.82 -21.75
C TYR B 292 -16.86 18.30 -22.02
N GLY B 293 -16.50 19.03 -20.97
CA GLY B 293 -16.11 20.44 -21.11
C GLY B 293 -14.59 20.50 -21.29
N TYR B 294 -14.13 20.67 -22.53
CA TYR B 294 -12.68 20.83 -22.78
C TYR B 294 -12.13 22.11 -22.13
N HIS B 295 -10.98 21.98 -21.47
CA HIS B 295 -10.39 23.09 -20.73
C HIS B 295 -8.87 23.01 -20.89
N ALA B 296 -8.27 24.19 -20.80
CA ALA B 296 -6.82 24.36 -20.83
C ALA B 296 -6.50 25.67 -20.13
N GLY B 297 -5.25 25.88 -19.78
CA GLY B 297 -4.90 27.17 -19.15
C GLY B 297 -3.47 27.21 -18.68
N PHE B 298 -3.14 28.20 -17.86
CA PHE B 298 -1.76 28.36 -17.40
C PHE B 298 -1.75 29.07 -16.07
N ASN B 299 -0.66 28.90 -15.31
CA ASN B 299 -0.50 29.56 -14.02
C ASN B 299 0.25 30.86 -14.22
N HIS B 300 -0.15 31.87 -13.44
CA HIS B 300 0.42 33.23 -13.54
C HIS B 300 1.75 33.32 -12.81
N GLY B 301 1.94 32.46 -11.81
CA GLY B 301 3.07 32.54 -10.90
C GLY B 301 2.92 31.44 -9.88
N PHE B 302 3.72 31.47 -8.83
CA PHE B 302 3.69 30.41 -7.83
C PHE B 302 2.31 30.30 -7.20
N ASN B 303 1.75 29.08 -7.21
CA ASN B 303 0.45 28.87 -6.60
C ASN B 303 0.25 27.46 -6.16
N CYS B 304 -0.88 27.22 -5.50
CA CYS B 304 -1.18 25.88 -4.98
C CYS B 304 -2.69 25.65 -5.10
N ALA B 305 -3.08 24.62 -5.84
CA ALA B 305 -4.48 24.28 -6.03
C ALA B 305 -4.76 22.82 -5.61
N GLU B 306 -6.01 22.57 -5.21
CA GLU B 306 -6.45 21.24 -4.85
C GLU B 306 -7.59 20.85 -5.79
N SER B 307 -7.59 19.62 -6.30
CA SER B 307 -8.77 19.22 -7.02
C SER B 307 -9.08 17.74 -6.95
N THR B 308 -10.26 17.40 -7.44
CA THR B 308 -10.67 16.00 -7.57
C THR B 308 -11.74 15.89 -8.67
N ASN B 309 -12.07 14.66 -9.09
CA ASN B 309 -13.20 14.46 -9.99
C ASN B 309 -14.41 14.02 -9.18
N PHE B 310 -15.59 14.22 -9.76
CA PHE B 310 -16.82 13.77 -9.11
C PHE B 310 -17.87 13.52 -10.18
N ALA B 311 -19.01 12.95 -9.78
CA ALA B 311 -20.09 12.67 -10.71
C ALA B 311 -21.46 13.07 -10.17
N THR B 312 -22.41 13.29 -11.08
CA THR B 312 -23.83 13.32 -10.75
C THR B 312 -24.55 12.36 -11.65
N VAL B 313 -25.85 12.28 -11.48
CA VAL B 313 -26.63 11.37 -12.32
C VAL B 313 -26.56 11.82 -13.77
N ARG B 314 -26.49 13.14 -13.99
CA ARG B 314 -26.44 13.65 -15.36
C ARG B 314 -25.19 13.21 -16.09
N TRP B 315 -24.15 12.90 -15.31
CA TRP B 315 -22.88 12.45 -15.93
C TRP B 315 -22.99 11.07 -16.59
N ILE B 316 -23.93 10.23 -16.11
CA ILE B 316 -23.90 8.80 -16.48
C ILE B 316 -23.94 8.59 -17.98
N ASP B 317 -24.82 9.32 -18.66
CA ASP B 317 -24.86 9.24 -20.15
C ASP B 317 -23.54 9.66 -20.85
N TYR B 318 -22.75 10.50 -20.20
CA TYR B 318 -21.44 10.93 -20.78
C TYR B 318 -20.44 9.81 -20.58
N GLY B 319 -20.47 9.23 -19.39
CA GLY B 319 -19.54 8.14 -19.06
C GLY B 319 -19.77 6.90 -19.94
N LYS B 320 -21.03 6.65 -20.27
CA LYS B 320 -21.35 5.58 -21.22
C LYS B 320 -20.80 5.76 -22.62
N VAL B 321 -20.61 6.99 -23.07
CA VAL B 321 -20.09 7.21 -24.45
C VAL B 321 -18.66 7.81 -24.54
N ALA B 322 -17.98 7.97 -23.41
CA ALA B 322 -16.68 8.65 -23.42
C ALA B 322 -15.68 7.84 -24.26
N LYS B 323 -14.89 8.51 -25.11
CA LYS B 323 -13.88 7.81 -25.92
C LYS B 323 -12.64 7.69 -25.10
N LEU B 324 -12.13 6.49 -24.93
CA LEU B 324 -10.99 6.30 -24.04
C LEU B 324 -9.65 6.19 -24.77
N CYS B 325 -8.56 6.45 -24.06
CA CYS B 325 -7.22 6.28 -24.63
C CYS B 325 -7.05 4.78 -24.84
N THR B 326 -6.75 4.40 -26.07
CA THR B 326 -6.64 3.02 -26.46
C THR B 326 -5.19 2.56 -26.25
N CYS B 327 -4.27 3.53 -26.22
CA CYS B 327 -2.91 3.29 -26.65
C CYS B 327 -1.87 3.13 -25.55
N ARG B 328 -2.24 3.39 -24.30
CA ARG B 328 -1.51 2.81 -23.15
C ARG B 328 -2.46 1.95 -22.33
N LYS B 329 -1.90 0.97 -21.64
CA LYS B 329 -2.56 0.37 -20.48
C LYS B 329 -2.47 1.36 -19.33
N ASP B 330 -3.20 1.05 -18.25
CA ASP B 330 -3.13 1.84 -17.02
C ASP B 330 -3.94 3.15 -17.07
N MET B 331 -4.64 3.39 -18.18
CA MET B 331 -5.47 4.57 -18.29
C MET B 331 -6.71 4.30 -17.43
N VAL B 332 -7.33 5.37 -16.93
CA VAL B 332 -8.48 5.26 -16.02
C VAL B 332 -9.72 4.80 -16.80
N LYS B 333 -10.28 3.67 -16.42
CA LYS B 333 -11.57 3.25 -16.95
C LYS B 333 -12.43 2.84 -15.79
N ILE B 334 -13.63 3.38 -15.73
CA ILE B 334 -14.55 2.96 -14.66
C ILE B 334 -15.65 2.18 -15.36
N SER B 335 -16.02 1.03 -14.84
CA SER B 335 -17.13 0.28 -15.47
C SER B 335 -18.48 1.05 -15.23
N MET B 336 -19.27 1.23 -16.30
CA MET B 336 -20.51 1.97 -16.21
C MET B 336 -21.70 1.13 -15.74
N ASP B 337 -21.46 -0.17 -15.56
CA ASP B 337 -22.55 -1.12 -15.28
C ASP B 337 -23.39 -0.72 -14.09
N ILE B 338 -22.73 -0.51 -12.96
CA ILE B 338 -23.45 -0.26 -11.74
C ILE B 338 -24.25 1.05 -11.80
N PHE B 339 -23.72 2.05 -12.53
CA PHE B 339 -24.42 3.34 -12.67
C PHE B 339 -25.69 3.21 -13.50
N VAL B 340 -25.64 2.46 -14.59
CA VAL B 340 -26.83 2.27 -15.39
C VAL B 340 -27.83 1.39 -14.67
N ARG B 341 -27.34 0.37 -13.97
CA ARG B 341 -28.23 -0.56 -13.30
C ARG B 341 -29.01 0.12 -12.17
N LYS B 342 -28.33 0.96 -11.40
CA LYS B 342 -28.94 1.56 -10.22
C LYS B 342 -29.71 2.81 -10.60
N PHE B 343 -29.16 3.64 -11.51
CA PHE B 343 -29.78 4.95 -11.72
C PHE B 343 -30.58 5.07 -13.00
N GLN B 344 -30.40 4.15 -13.94
CA GLN B 344 -31.17 4.15 -15.19
C GLN B 344 -31.82 2.75 -15.40
N PRO B 345 -32.56 2.26 -14.41
CA PRO B 345 -32.96 0.82 -14.46
C PRO B 345 -33.82 0.48 -15.67
N ASP B 346 -34.58 1.48 -16.14
CA ASP B 346 -35.39 1.41 -17.36
C ASP B 346 -34.56 1.18 -18.61
N ARG B 347 -33.30 1.60 -18.60
CA ARG B 347 -32.47 1.53 -19.79
C ARG B 347 -31.43 0.41 -19.75
N TYR B 348 -31.33 -0.25 -18.61
CA TYR B 348 -30.19 -1.12 -18.33
C TYR B 348 -30.03 -2.27 -19.35
N GLN B 349 -31.11 -3.01 -19.58
CA GLN B 349 -31.06 -4.14 -20.54
C GLN B 349 -30.87 -3.72 -21.99
N LEU B 350 -31.56 -2.65 -22.39
CA LEU B 350 -31.28 -1.90 -23.62
C LEU B 350 -29.78 -1.60 -23.78
N TRP B 351 -29.20 -1.03 -22.73
CA TRP B 351 -27.81 -0.63 -22.76
C TRP B 351 -26.92 -1.85 -22.91
N LYS B 352 -27.15 -2.87 -22.10
CA LYS B 352 -26.35 -4.07 -22.21
C LYS B 352 -26.53 -4.75 -23.57
N GLN B 353 -27.70 -4.63 -24.19
CA GLN B 353 -27.90 -5.17 -25.55
C GLN B 353 -27.12 -4.41 -26.63
N GLY B 354 -26.46 -3.31 -26.28
CA GLY B 354 -25.95 -2.35 -27.25
C GLY B 354 -27.02 -1.60 -28.03
N LYS B 355 -28.22 -1.47 -27.48
CA LYS B 355 -29.30 -0.73 -28.12
C LYS B 355 -29.57 0.65 -27.50
N ASP B 356 -28.83 1.04 -26.46
CA ASP B 356 -29.16 2.29 -25.76
C ASP B 356 -28.48 3.45 -26.52
N ILE B 357 -29.08 3.80 -27.66
CA ILE B 357 -28.48 4.69 -28.67
C ILE B 357 -29.04 6.09 -28.49
N TYR B 358 -28.17 7.06 -28.21
CA TYR B 358 -28.64 8.45 -28.04
C TYR B 358 -27.52 9.39 -28.42
N THR B 359 -27.87 10.65 -28.64
CA THR B 359 -26.88 11.72 -28.73
C THR B 359 -27.22 12.68 -27.59
N ILE B 360 -26.21 13.06 -26.80
CA ILE B 360 -26.50 13.71 -25.52
C ILE B 360 -26.98 15.12 -25.83
N ASP B 361 -27.96 15.60 -25.09
CA ASP B 361 -28.38 17.00 -25.16
C ASP B 361 -27.61 17.80 -24.07
N HIS B 362 -26.54 18.49 -24.45
CA HIS B 362 -25.66 19.13 -23.47
C HIS B 362 -26.30 20.37 -22.81
N THR B 363 -27.45 20.78 -23.32
CA THR B 363 -28.01 22.06 -22.90
C THR B 363 -29.03 21.85 -21.77
N LYS B 364 -29.35 20.59 -21.48
CA LYS B 364 -30.45 20.26 -20.55
C LYS B 364 -29.99 20.01 -19.09
N PRO B 365 -30.83 20.41 -18.11
CA PRO B 365 -30.43 20.10 -16.73
C PRO B 365 -30.64 18.63 -16.32
FE FE2 C . 10.51 -21.63 13.55
ZN ZN D . 15.70 -33.56 3.57
C1 6X9 E . 17.23 -18.18 16.47
C3 6X9 E . 15.38 -19.42 15.49
C5 6X9 E . 17.56 -20.24 15.20
C6 6X9 E . 18.12 -19.15 15.94
N2 6X9 E . 15.83 -18.35 16.30
C7 6X9 E . 14.00 -19.22 15.45
C8 6X9 E . 13.76 -18.01 16.07
C11 6X9 E . 19.62 -18.98 16.17
C12 6X9 E . 20.13 -18.05 15.06
C13 6X9 E . 18.45 -21.32 14.56
C14 6X9 E . 12.37 -17.45 16.37
C15 6X9 E . 13.00 -19.98 14.75
N4 6X9 E . 16.24 -20.31 14.94
N16 6X9 E . 12.16 -20.54 14.20
N9 6X9 E . 14.89 -17.58 16.59
O10 6X9 E . 17.63 -17.18 17.10
CL CL F . 27.50 -5.42 9.81
FE FE2 G . -8.88 19.13 -15.95
ZN ZN H . -3.67 7.21 -25.97
C1 6X9 I . -2.18 22.68 -13.15
C3 6X9 I . -4.02 21.43 -14.12
C5 6X9 I . -1.85 20.63 -14.46
C6 6X9 I . -1.30 21.72 -13.72
N2 6X9 I . -3.55 22.50 -13.35
C7 6X9 I . -5.38 21.64 -14.20
C8 6X9 I . -5.61 22.87 -13.57
C11 6X9 I . 0.20 21.87 -13.42
C12 6X9 I . 0.84 22.80 -14.48
C13 6X9 I . -0.98 19.54 -15.10
C14 6X9 I . -7.03 23.37 -13.27
C15 6X9 I . -6.38 20.91 -14.90
N4 6X9 I . -3.18 20.52 -14.68
N16 6X9 I . -7.20 20.38 -15.47
N9 6X9 I . -4.49 23.25 -12.97
O10 6X9 I . -1.78 23.66 -12.46
CL CL J . 7.99 35.42 -19.95
#